data_8UNG
#
_entry.id   8UNG
#
_entity_poly.entity_id   1
_entity_poly.type   'polypeptide(L)'
_entity_poly.pdbx_seq_one_letter_code
;GVCWDTGCQLNAWAVRGCAQYGMRDVNMKSCSGGIIYTCCD
;
_entity_poly.pdbx_strand_id   A
#
# COMPACT_ATOMS: atom_id res chain seq x y z
N GLY A 1 -9.25 -1.29 15.61
CA GLY A 1 -8.35 -2.29 15.08
C GLY A 1 -8.87 -2.93 13.82
N VAL A 2 -8.64 -2.28 12.68
CA VAL A 2 -9.08 -2.79 11.39
C VAL A 2 -8.00 -2.65 10.34
N CYS A 3 -7.86 -3.67 9.50
CA CYS A 3 -6.86 -3.66 8.43
C CYS A 3 -7.50 -3.99 7.08
N TRP A 4 -6.76 -3.73 6.02
CA TRP A 4 -7.25 -4.00 4.66
C TRP A 4 -6.17 -3.70 3.63
N ASP A 5 -5.89 -4.68 2.78
CA ASP A 5 -4.88 -4.51 1.73
C ASP A 5 -5.53 -4.26 0.37
N THR A 6 -4.94 -3.38 -0.41
CA THR A 6 -5.47 -3.03 -1.73
C THR A 6 -4.76 -3.83 -2.82
N GLY A 7 -5.43 -4.00 -3.96
CA GLY A 7 -4.85 -4.74 -5.06
C GLY A 7 -3.53 -4.15 -5.52
N CYS A 8 -2.97 -4.71 -6.59
CA CYS A 8 -1.70 -4.25 -7.12
C CYS A 8 -1.73 -2.74 -7.35
N GLN A 9 -0.83 -2.03 -6.68
CA GLN A 9 -0.75 -0.57 -6.82
C GLN A 9 0.35 -0.18 -7.80
N LEU A 10 -0.04 0.49 -8.87
CA LEU A 10 0.91 0.93 -9.89
C LEU A 10 1.43 2.33 -9.57
N ASN A 11 0.62 3.10 -8.86
CA ASN A 11 1.01 4.47 -8.50
C ASN A 11 2.40 4.50 -7.87
N ALA A 12 2.79 3.39 -7.24
CA ALA A 12 4.09 3.29 -6.61
C ALA A 12 5.20 3.66 -7.58
N TRP A 13 4.96 3.43 -8.86
CA TRP A 13 5.95 3.75 -9.90
C TRP A 13 6.51 5.15 -9.70
N ALA A 14 5.63 6.13 -9.53
CA ALA A 14 6.04 7.51 -9.33
C ALA A 14 6.22 7.82 -7.85
N VAL A 15 5.22 7.46 -7.04
CA VAL A 15 5.28 7.70 -5.60
C VAL A 15 4.50 6.63 -4.85
N ARG A 16 5.00 6.28 -3.67
CA ARG A 16 4.36 5.27 -2.84
C ARG A 16 4.41 5.66 -1.37
N GLY A 17 3.69 4.91 -0.53
CA GLY A 17 3.66 5.19 0.89
C GLY A 17 2.25 5.32 1.43
N CYS A 18 1.93 4.50 2.42
CA CYS A 18 0.61 4.52 3.03
C CYS A 18 0.22 5.92 3.47
N ALA A 19 1.23 6.72 3.81
CA ALA A 19 1.00 8.10 4.26
C ALA A 19 0.08 8.83 3.29
N GLN A 20 0.16 8.48 2.01
CA GLN A 20 -0.67 9.11 1.00
C GLN A 20 -2.14 9.06 1.38
N TYR A 21 -2.54 7.96 2.02
CA TYR A 21 -3.93 7.79 2.45
C TYR A 21 -4.13 8.31 3.86
N GLY A 22 -3.03 8.55 4.57
CA GLY A 22 -3.11 9.05 5.92
C GLY A 22 -3.15 7.93 6.95
N MET A 23 -2.46 6.84 6.66
CA MET A 23 -2.42 5.69 7.56
C MET A 23 -1.03 5.05 7.58
N ARG A 24 -0.85 4.06 8.44
CA ARG A 24 0.43 3.37 8.55
C ARG A 24 0.37 2.01 7.87
N ASP A 25 1.46 1.63 7.22
CA ASP A 25 1.53 0.35 6.53
C ASP A 25 1.82 -0.78 7.51
N VAL A 26 1.38 -1.99 7.16
CA VAL A 26 1.59 -3.16 8.01
C VAL A 26 2.20 -4.31 7.23
N ASN A 27 1.74 -4.49 5.99
CA ASN A 27 2.24 -5.55 5.13
C ASN A 27 2.25 -5.12 3.67
N MET A 28 2.91 -5.90 2.83
CA MET A 28 2.99 -5.60 1.41
C MET A 28 2.95 -6.88 0.57
N LYS A 29 2.62 -6.75 -0.71
CA LYS A 29 2.56 -7.89 -1.61
C LYS A 29 3.48 -7.69 -2.80
N SER A 30 3.72 -8.77 -3.54
CA SER A 30 4.59 -8.71 -4.71
C SER A 30 3.83 -8.17 -5.92
N CYS A 31 4.51 -7.35 -6.71
CA CYS A 31 3.91 -6.76 -7.90
C CYS A 31 4.98 -6.35 -8.90
N SER A 32 4.69 -6.53 -10.19
CA SER A 32 5.62 -6.19 -11.25
C SER A 32 5.64 -4.68 -11.49
N GLY A 33 6.73 -4.04 -11.09
CA GLY A 33 6.85 -2.60 -11.27
C GLY A 33 6.34 -1.82 -10.07
N GLY A 34 5.22 -2.26 -9.51
CA GLY A 34 4.66 -1.58 -8.36
C GLY A 34 4.69 -2.44 -7.11
N ILE A 35 4.10 -1.93 -6.03
CA ILE A 35 4.07 -2.65 -4.77
C ILE A 35 2.78 -2.37 -4.00
N ILE A 36 2.28 -3.38 -3.30
CA ILE A 36 1.06 -3.25 -2.53
C ILE A 36 1.36 -2.84 -1.08
N TYR A 37 0.55 -1.93 -0.54
CA TYR A 37 0.74 -1.47 0.83
C TYR A 37 -0.55 -1.62 1.64
N THR A 38 -0.46 -2.33 2.75
CA THR A 38 -1.61 -2.55 3.61
C THR A 38 -1.67 -1.52 4.72
N CYS A 39 -2.58 -0.56 4.58
CA CYS A 39 -2.75 0.50 5.57
C CYS A 39 -3.81 0.12 6.60
N CYS A 40 -3.59 0.51 7.84
CA CYS A 40 -4.52 0.21 8.92
C CYS A 40 -4.68 1.41 9.84
N ASP A 41 -5.85 1.51 10.48
CA ASP A 41 -6.13 2.62 11.40
C ASP A 41 -6.00 3.96 10.69
N GLY A 1 -7.35 -1.73 15.14
CA GLY A 1 -8.75 -1.57 14.78
C GLY A 1 -9.11 -2.34 13.52
N VAL A 2 -9.43 -1.62 12.45
CA VAL A 2 -9.80 -2.25 11.19
C VAL A 2 -8.69 -2.10 10.16
N CYS A 3 -8.37 -3.21 9.49
CA CYS A 3 -7.32 -3.21 8.47
C CYS A 3 -7.89 -3.60 7.11
N TRP A 4 -7.13 -3.32 6.05
CA TRP A 4 -7.55 -3.65 4.70
C TRP A 4 -6.41 -3.42 3.70
N ASP A 5 -6.15 -4.41 2.86
CA ASP A 5 -5.11 -4.31 1.86
C ASP A 5 -5.69 -4.07 0.47
N THR A 6 -4.94 -3.37 -0.37
CA THR A 6 -5.39 -3.07 -1.72
C THR A 6 -4.62 -3.89 -2.75
N GLY A 7 -5.26 -4.18 -3.88
CA GLY A 7 -4.61 -4.95 -4.92
C GLY A 7 -3.34 -4.31 -5.42
N CYS A 8 -2.75 -4.88 -6.46
CA CYS A 8 -1.52 -4.36 -7.03
C CYS A 8 -1.65 -2.87 -7.33
N GLN A 9 -0.80 -2.08 -6.69
CA GLN A 9 -0.82 -0.63 -6.89
C GLN A 9 0.27 -0.20 -7.87
N LEU A 10 -0.13 0.49 -8.93
CA LEU A 10 0.80 0.95 -9.95
C LEU A 10 1.31 2.35 -9.62
N ASN A 11 0.51 3.10 -8.86
CA ASN A 11 0.88 4.46 -8.47
C ASN A 11 2.29 4.49 -7.87
N ALA A 12 2.69 3.37 -7.28
CA ALA A 12 4.01 3.26 -6.67
C ALA A 12 5.11 3.68 -7.65
N TRP A 13 4.84 3.48 -8.94
CA TRP A 13 5.80 3.83 -9.98
C TRP A 13 6.36 5.24 -9.75
N ALA A 14 5.46 6.19 -9.55
CA ALA A 14 5.86 7.58 -9.33
C ALA A 14 6.06 7.86 -7.84
N VAL A 15 5.07 7.49 -7.04
CA VAL A 15 5.14 7.70 -5.60
C VAL A 15 4.41 6.59 -4.84
N ARG A 16 4.94 6.22 -3.69
CA ARG A 16 4.34 5.17 -2.87
C ARG A 16 4.42 5.52 -1.39
N GLY A 17 3.71 4.76 -0.56
CA GLY A 17 3.70 5.01 0.87
C GLY A 17 2.30 5.18 1.42
N CYS A 18 1.97 4.37 2.42
CA CYS A 18 0.64 4.43 3.04
C CYS A 18 0.31 5.87 3.46
N ALA A 19 1.35 6.63 3.81
CA ALA A 19 1.17 8.01 4.22
C ALA A 19 0.28 8.78 3.23
N GLN A 20 0.37 8.40 1.96
CA GLN A 20 -0.41 9.05 0.92
C GLN A 20 -1.89 9.09 1.29
N TYR A 21 -2.34 8.04 1.98
CA TYR A 21 -3.74 7.96 2.39
C TYR A 21 -3.91 8.48 3.81
N GLY A 22 -2.81 8.63 4.53
CA GLY A 22 -2.87 9.12 5.90
C GLY A 22 -2.99 7.99 6.90
N MET A 23 -2.29 6.89 6.66
CA MET A 23 -2.33 5.74 7.56
C MET A 23 -0.99 5.03 7.60
N ARG A 24 -0.88 4.03 8.47
CA ARG A 24 0.36 3.28 8.61
C ARG A 24 0.26 1.92 7.92
N ASP A 25 1.35 1.49 7.31
CA ASP A 25 1.38 0.20 6.60
C ASP A 25 1.61 -0.94 7.58
N VAL A 26 1.26 -2.16 7.16
CA VAL A 26 1.44 -3.34 7.99
C VAL A 26 2.16 -4.44 7.24
N ASN A 27 1.84 -4.59 5.96
CA ASN A 27 2.47 -5.61 5.13
C ASN A 27 2.43 -5.21 3.66
N MET A 28 3.19 -5.92 2.84
CA MET A 28 3.25 -5.64 1.41
C MET A 28 3.27 -6.93 0.60
N LYS A 29 2.93 -6.83 -0.68
CA LYS A 29 2.91 -7.99 -1.56
C LYS A 29 3.80 -7.77 -2.78
N SER A 30 4.08 -8.84 -3.51
CA SER A 30 4.91 -8.76 -4.70
C SER A 30 4.12 -8.20 -5.88
N CYS A 31 4.78 -7.35 -6.68
CA CYS A 31 4.14 -6.74 -7.83
C CYS A 31 5.18 -6.31 -8.86
N SER A 32 4.85 -6.47 -10.13
CA SER A 32 5.76 -6.10 -11.22
C SER A 32 5.68 -4.59 -11.49
N GLY A 33 6.69 -3.86 -11.03
CA GLY A 33 6.72 -2.43 -11.25
C GLY A 33 6.08 -1.66 -10.11
N GLY A 34 4.98 -2.19 -9.57
CA GLY A 34 4.29 -1.54 -8.48
C GLY A 34 4.50 -2.25 -7.16
N ILE A 35 3.87 -1.74 -6.10
CA ILE A 35 3.99 -2.33 -4.78
C ILE A 35 2.67 -2.22 -4.01
N ILE A 36 2.34 -3.27 -3.27
CA ILE A 36 1.11 -3.29 -2.48
C ILE A 36 1.38 -2.88 -1.04
N TYR A 37 0.56 -1.96 -0.53
CA TYR A 37 0.71 -1.49 0.84
C TYR A 37 -0.59 -1.61 1.61
N THR A 38 -0.55 -2.34 2.72
CA THR A 38 -1.73 -2.54 3.55
C THR A 38 -1.81 -1.52 4.67
N CYS A 39 -2.70 -0.55 4.51
CA CYS A 39 -2.86 0.51 5.51
C CYS A 39 -3.97 0.15 6.50
N CYS A 40 -3.62 0.09 7.78
CA CYS A 40 -4.59 -0.25 8.82
C CYS A 40 -4.65 0.85 9.87
N ASP A 41 -5.87 1.18 10.30
CA ASP A 41 -6.07 2.22 11.30
C ASP A 41 -6.71 1.64 12.55
N GLY A 1 -9.17 -5.00 15.67
CA GLY A 1 -8.22 -5.52 14.70
C GLY A 1 -8.72 -5.36 13.27
N VAL A 2 -9.23 -4.17 12.96
CA VAL A 2 -9.73 -3.89 11.61
C VAL A 2 -8.61 -3.47 10.68
N CYS A 3 -8.39 -4.26 9.63
CA CYS A 3 -7.34 -3.97 8.65
C CYS A 3 -7.79 -4.34 7.24
N TRP A 4 -7.31 -3.59 6.26
CA TRP A 4 -7.66 -3.85 4.87
C TRP A 4 -6.43 -3.75 3.98
N ASP A 5 -6.55 -4.27 2.75
CA ASP A 5 -5.45 -4.23 1.80
C ASP A 5 -5.94 -3.85 0.41
N THR A 6 -5.11 -3.12 -0.33
CA THR A 6 -5.47 -2.68 -1.67
C THR A 6 -4.75 -3.50 -2.73
N GLY A 7 -5.42 -3.73 -3.85
CA GLY A 7 -4.83 -4.52 -4.92
C GLY A 7 -3.52 -3.94 -5.40
N CYS A 8 -2.94 -4.57 -6.42
CA CYS A 8 -1.66 -4.12 -6.97
C CYS A 8 -1.71 -2.63 -7.30
N GLN A 9 -0.83 -1.86 -6.66
CA GLN A 9 -0.77 -0.42 -6.88
C GLN A 9 0.36 -0.07 -7.85
N LEU A 10 0.01 0.61 -8.93
CA LEU A 10 0.99 1.01 -9.94
C LEU A 10 1.56 2.39 -9.62
N ASN A 11 0.77 3.20 -8.91
CA ASN A 11 1.20 4.54 -8.53
C ASN A 11 2.60 4.52 -7.91
N ALA A 12 2.94 3.40 -7.29
CA ALA A 12 4.25 3.25 -6.66
C ALA A 12 5.37 3.59 -7.64
N TRP A 13 5.11 3.37 -8.92
CA TRP A 13 6.10 3.65 -9.96
C TRP A 13 6.72 5.04 -9.77
N ALA A 14 5.85 6.04 -9.65
CA ALA A 14 6.30 7.41 -9.46
C ALA A 14 6.45 7.74 -7.98
N VAL A 15 5.41 7.45 -7.20
CA VAL A 15 5.44 7.71 -5.77
C VAL A 15 4.66 6.64 -5.00
N ARG A 16 5.11 6.34 -3.79
CA ARG A 16 4.45 5.35 -2.96
C ARG A 16 4.42 5.79 -1.50
N GLY A 17 3.66 5.07 -0.69
CA GLY A 17 3.55 5.41 0.72
C GLY A 17 2.13 5.58 1.17
N CYS A 18 1.72 4.81 2.18
CA CYS A 18 0.36 4.89 2.70
C CYS A 18 0.05 6.30 3.19
N ALA A 19 1.09 7.05 3.51
CA ALA A 19 0.93 8.42 3.99
C ALA A 19 -0.05 9.20 3.10
N GLN A 20 -0.03 8.90 1.81
CA GLN A 20 -0.92 9.57 0.87
C GLN A 20 -2.36 9.53 1.33
N TYR A 21 -2.76 8.39 1.90
CA TYR A 21 -4.11 8.21 2.40
C TYR A 21 -4.23 8.64 3.85
N GLY A 22 -3.08 8.81 4.51
CA GLY A 22 -3.08 9.22 5.89
C GLY A 22 -3.07 8.04 6.84
N MET A 23 -2.31 7.00 6.50
CA MET A 23 -2.23 5.80 7.33
C MET A 23 -0.84 5.19 7.25
N ARG A 24 -0.61 4.15 8.05
CA ARG A 24 0.67 3.46 8.07
C ARG A 24 0.55 2.04 7.52
N ASP A 25 1.56 1.59 6.79
CA ASP A 25 1.57 0.25 6.22
C ASP A 25 2.13 -0.76 7.20
N VAL A 26 1.73 -2.02 7.03
CA VAL A 26 2.20 -3.09 7.91
C VAL A 26 2.74 -4.26 7.10
N ASN A 27 2.08 -4.57 6.00
CA ASN A 27 2.50 -5.67 5.13
C ASN A 27 2.49 -5.25 3.67
N MET A 28 3.10 -6.08 2.82
CA MET A 28 3.17 -5.77 1.40
C MET A 28 3.10 -7.07 0.57
N LYS A 29 2.76 -6.93 -0.70
CA LYS A 29 2.65 -8.07 -1.59
C LYS A 29 3.53 -7.89 -2.84
N SER A 30 3.73 -8.97 -3.58
CA SER A 30 4.55 -8.91 -4.78
C SER A 30 3.79 -8.25 -5.93
N CYS A 31 4.49 -7.42 -6.69
CA CYS A 31 3.88 -6.72 -7.82
C CYS A 31 4.94 -6.32 -8.83
N SER A 32 4.59 -6.40 -10.11
CA SER A 32 5.51 -6.06 -11.19
C SER A 32 5.56 -4.54 -11.39
N GLY A 33 6.65 -3.93 -10.94
CA GLY A 33 6.81 -2.50 -11.08
C GLY A 33 6.29 -1.73 -9.87
N GLY A 34 5.15 -2.17 -9.34
CA GLY A 34 4.57 -1.52 -8.20
C GLY A 34 4.66 -2.36 -6.94
N ILE A 35 4.06 -1.87 -5.85
CA ILE A 35 4.07 -2.59 -4.58
C ILE A 35 2.79 -2.35 -3.80
N ILE A 36 2.29 -3.40 -3.16
CA ILE A 36 1.07 -3.29 -2.37
C ILE A 36 1.38 -2.95 -0.91
N TYR A 37 0.52 -2.12 -0.31
CA TYR A 37 0.71 -1.71 1.07
C TYR A 37 -0.53 -2.00 1.90
N THR A 38 -0.37 -2.78 2.96
CA THR A 38 -1.47 -3.13 3.84
C THR A 38 -1.57 -2.18 5.02
N CYS A 39 -2.55 -1.27 4.97
CA CYS A 39 -2.73 -0.30 6.04
C CYS A 39 -3.89 -0.72 6.95
N CYS A 40 -3.72 -0.51 8.25
CA CYS A 40 -4.75 -0.87 9.22
C CYS A 40 -5.29 0.37 9.92
N ASP A 41 -6.52 0.29 10.41
CA ASP A 41 -7.16 1.40 11.09
C ASP A 41 -6.94 1.31 12.60
N GLY A 1 -10.23 -3.88 15.91
CA GLY A 1 -9.66 -2.99 14.91
C GLY A 1 -10.13 -3.33 13.50
N VAL A 2 -10.01 -2.36 12.60
CA VAL A 2 -10.44 -2.57 11.22
C VAL A 2 -9.25 -2.44 10.26
N CYS A 3 -8.95 -3.52 9.55
CA CYS A 3 -7.84 -3.53 8.60
C CYS A 3 -8.34 -3.83 7.20
N TRP A 4 -7.50 -3.56 6.20
CA TRP A 4 -7.85 -3.80 4.82
C TRP A 4 -6.65 -3.57 3.90
N ASP A 5 -6.55 -4.37 2.84
CA ASP A 5 -5.45 -4.27 1.89
C ASP A 5 -5.95 -3.81 0.53
N THR A 6 -5.03 -3.34 -0.31
CA THR A 6 -5.39 -2.86 -1.64
C THR A 6 -4.68 -3.67 -2.71
N GLY A 7 -5.36 -3.89 -3.84
CA GLY A 7 -4.79 -4.65 -4.92
C GLY A 7 -3.48 -4.06 -5.41
N CYS A 8 -2.90 -4.67 -6.44
CA CYS A 8 -1.64 -4.21 -7.00
C CYS A 8 -1.70 -2.71 -7.32
N GLN A 9 -0.83 -1.95 -6.67
CA GLN A 9 -0.77 -0.51 -6.88
C GLN A 9 0.34 -0.14 -7.85
N LEU A 10 -0.03 0.53 -8.95
CA LEU A 10 0.94 0.94 -9.95
C LEU A 10 1.48 2.34 -9.65
N ASN A 11 0.68 3.13 -8.95
CA ASN A 11 1.08 4.49 -8.59
C ASN A 11 2.47 4.50 -7.97
N ALA A 12 2.83 3.40 -7.33
CA ALA A 12 4.15 3.28 -6.69
C ALA A 12 5.26 3.63 -7.67
N TRP A 13 5.01 3.39 -8.95
CA TRP A 13 6.00 3.68 -9.99
C TRP A 13 6.59 5.07 -9.80
N ALA A 14 5.72 6.06 -9.64
CA ALA A 14 6.15 7.44 -9.46
C ALA A 14 6.35 7.76 -7.97
N VAL A 15 5.34 7.44 -7.17
CA VAL A 15 5.41 7.70 -5.74
C VAL A 15 4.60 6.66 -4.95
N ARG A 16 5.08 6.32 -3.77
CA ARG A 16 4.41 5.34 -2.93
C ARG A 16 4.41 5.79 -1.47
N GLY A 17 3.66 5.07 -0.63
CA GLY A 17 3.58 5.41 0.77
C GLY A 17 2.16 5.58 1.26
N CYS A 18 1.77 4.79 2.25
CA CYS A 18 0.43 4.86 2.81
C CYS A 18 0.12 6.27 3.32
N ALA A 19 1.17 7.02 3.63
CA ALA A 19 1.01 8.38 4.13
C ALA A 19 0.04 9.18 3.26
N GLN A 20 0.07 8.90 1.96
CA GLN A 20 -0.81 9.59 1.02
C GLN A 20 -2.27 9.50 1.47
N TYR A 21 -2.65 8.35 1.98
CA TYR A 21 -4.02 8.13 2.44
C TYR A 21 -4.17 8.56 3.90
N GLY A 22 -3.05 8.77 4.57
CA GLY A 22 -3.08 9.18 5.96
C GLY A 22 -3.06 8.01 6.91
N MET A 23 -2.30 6.98 6.57
CA MET A 23 -2.21 5.79 7.41
C MET A 23 -0.81 5.17 7.31
N ARG A 24 -0.57 4.14 8.11
CA ARG A 24 0.72 3.45 8.11
C ARG A 24 0.59 2.05 7.54
N ASP A 25 1.63 1.60 6.85
CA ASP A 25 1.64 0.27 6.25
C ASP A 25 2.19 -0.77 7.23
N VAL A 26 1.77 -2.02 7.06
CA VAL A 26 2.21 -3.10 7.93
C VAL A 26 2.74 -4.28 7.12
N ASN A 27 2.07 -4.57 6.01
CA ASN A 27 2.47 -5.67 5.14
C ASN A 27 2.53 -5.22 3.68
N MET A 28 3.13 -6.05 2.84
CA MET A 28 3.26 -5.75 1.42
C MET A 28 3.23 -7.02 0.58
N LYS A 29 2.85 -6.89 -0.69
CA LYS A 29 2.77 -8.02 -1.59
C LYS A 29 3.65 -7.79 -2.82
N SER A 30 3.90 -8.85 -3.58
CA SER A 30 4.72 -8.76 -4.78
C SER A 30 3.93 -8.16 -5.93
N CYS A 31 4.59 -7.32 -6.72
CA CYS A 31 3.95 -6.69 -7.87
C CYS A 31 5.00 -6.28 -8.91
N SER A 32 4.63 -6.41 -10.18
CA SER A 32 5.53 -6.06 -11.28
C SER A 32 5.57 -4.55 -11.48
N GLY A 33 6.66 -3.94 -11.03
CA GLY A 33 6.81 -2.50 -11.18
C GLY A 33 6.30 -1.74 -9.97
N GLY A 34 5.18 -2.19 -9.42
CA GLY A 34 4.60 -1.54 -8.26
C GLY A 34 4.70 -2.38 -7.01
N ILE A 35 4.11 -1.90 -5.93
CA ILE A 35 4.13 -2.62 -4.66
C ILE A 35 2.84 -2.39 -3.86
N ILE A 36 2.35 -3.44 -3.22
CA ILE A 36 1.13 -3.35 -2.43
C ILE A 36 1.45 -2.98 -0.98
N TYR A 37 0.59 -2.16 -0.38
CA TYR A 37 0.77 -1.73 1.00
C TYR A 37 -0.47 -2.02 1.83
N THR A 38 -0.30 -2.78 2.91
CA THR A 38 -1.41 -3.14 3.78
C THR A 38 -1.52 -2.16 4.95
N CYS A 39 -2.54 -1.30 4.90
CA CYS A 39 -2.75 -0.31 5.95
C CYS A 39 -3.95 -0.69 6.82
N CYS A 40 -3.82 -0.49 8.13
CA CYS A 40 -4.89 -0.81 9.07
C CYS A 40 -5.08 0.30 10.07
N ASP A 41 -6.34 0.65 10.34
CA ASP A 41 -6.65 1.71 11.29
C ASP A 41 -5.98 1.45 12.64
N GLY A 1 -8.86 -3.37 15.68
CA GLY A 1 -7.88 -3.91 14.75
C GLY A 1 -8.45 -4.12 13.37
N VAL A 2 -8.71 -3.02 12.66
CA VAL A 2 -9.26 -3.10 11.31
C VAL A 2 -8.18 -2.87 10.27
N CYS A 3 -7.96 -3.88 9.42
CA CYS A 3 -6.95 -3.79 8.37
C CYS A 3 -7.55 -4.13 7.01
N TRP A 4 -6.95 -3.60 5.96
CA TRP A 4 -7.42 -3.84 4.60
C TRP A 4 -6.32 -3.59 3.58
N ASP A 5 -6.05 -4.59 2.76
CA ASP A 5 -5.01 -4.46 1.74
C ASP A 5 -5.62 -4.18 0.36
N THR A 6 -4.94 -3.35 -0.42
CA THR A 6 -5.43 -2.99 -1.75
C THR A 6 -4.70 -3.79 -2.83
N GLY A 7 -5.39 -4.02 -3.94
CA GLY A 7 -4.79 -4.77 -5.05
C GLY A 7 -3.48 -4.15 -5.51
N CYS A 8 -2.88 -4.77 -6.52
CA CYS A 8 -1.62 -4.28 -7.07
C CYS A 8 -1.71 -2.80 -7.40
N GLN A 9 -0.87 -2.00 -6.76
CA GLN A 9 -0.85 -0.56 -6.99
C GLN A 9 0.28 -0.17 -7.94
N LEU A 10 -0.08 0.46 -9.06
CA LEU A 10 0.90 0.88 -10.04
C LEU A 10 1.38 2.30 -9.77
N ASN A 11 0.53 3.09 -9.12
CA ASN A 11 0.87 4.47 -8.78
C ASN A 11 2.23 4.55 -8.10
N ALA A 12 2.60 3.46 -7.42
CA ALA A 12 3.88 3.41 -6.71
C ALA A 12 5.03 3.78 -7.64
N TRP A 13 4.85 3.51 -8.94
CA TRP A 13 5.87 3.81 -9.93
C TRP A 13 6.41 5.22 -9.73
N ALA A 14 5.51 6.18 -9.57
CA ALA A 14 5.90 7.57 -9.37
C ALA A 14 6.08 7.89 -7.90
N VAL A 15 5.07 7.53 -7.09
CA VAL A 15 5.13 7.79 -5.66
C VAL A 15 4.35 6.72 -4.89
N ARG A 16 4.88 6.33 -3.73
CA ARG A 16 4.23 5.32 -2.90
C ARG A 16 4.34 5.68 -1.42
N GLY A 17 3.63 4.94 -0.58
CA GLY A 17 3.66 5.20 0.84
C GLY A 17 2.27 5.33 1.44
N CYS A 18 1.96 4.49 2.41
CA CYS A 18 0.65 4.52 3.07
C CYS A 18 0.32 5.94 3.53
N ALA A 19 1.34 6.70 3.88
CA ALA A 19 1.16 8.07 4.36
C ALA A 19 0.25 8.85 3.41
N GLN A 20 0.32 8.52 2.12
CA GLN A 20 -0.49 9.20 1.12
C GLN A 20 -1.97 9.18 1.50
N TYR A 21 -2.38 8.08 2.13
CA TYR A 21 -3.77 7.93 2.55
C TYR A 21 -3.97 8.43 3.98
N GLY A 22 -2.86 8.64 4.68
CA GLY A 22 -2.93 9.11 6.05
C GLY A 22 -3.00 7.99 7.06
N MET A 23 -2.28 6.90 6.79
CA MET A 23 -2.25 5.75 7.68
C MET A 23 -0.90 5.06 7.64
N ARG A 24 -0.72 4.05 8.50
CA ARG A 24 0.53 3.32 8.57
C ARG A 24 0.42 1.97 7.85
N ASP A 25 1.54 1.47 7.37
CA ASP A 25 1.57 0.18 6.67
C ASP A 25 1.81 -0.97 7.64
N VAL A 26 1.39 -2.16 7.25
CA VAL A 26 1.55 -3.34 8.08
C VAL A 26 2.20 -4.48 7.30
N ASN A 27 1.80 -4.63 6.04
CA ASN A 27 2.34 -5.68 5.19
C ASN A 27 2.37 -5.23 3.73
N MET A 28 3.08 -5.99 2.90
CA MET A 28 3.19 -5.66 1.48
C MET A 28 3.26 -6.94 0.64
N LYS A 29 2.74 -6.87 -0.58
CA LYS A 29 2.74 -8.01 -1.48
C LYS A 29 3.63 -7.75 -2.70
N SER A 30 3.93 -8.80 -3.44
CA SER A 30 4.78 -8.69 -4.62
C SER A 30 3.99 -8.13 -5.80
N CYS A 31 4.66 -7.33 -6.63
CA CYS A 31 4.02 -6.73 -7.80
C CYS A 31 5.06 -6.37 -8.85
N SER A 32 4.70 -6.55 -10.12
CA SER A 32 5.60 -6.24 -11.22
C SER A 32 5.64 -4.73 -11.48
N GLY A 33 6.72 -4.10 -11.05
CA GLY A 33 6.86 -2.66 -11.24
C GLY A 33 6.35 -1.86 -10.06
N GLY A 34 5.26 -2.33 -9.46
CA GLY A 34 4.68 -1.63 -8.33
C GLY A 34 4.73 -2.46 -7.06
N ILE A 35 4.09 -1.97 -6.00
CA ILE A 35 4.07 -2.66 -4.72
C ILE A 35 2.77 -2.43 -3.98
N ILE A 36 2.33 -3.43 -3.24
CA ILE A 36 1.08 -3.34 -2.48
C ILE A 36 1.36 -2.93 -1.03
N TYR A 37 0.55 -1.99 -0.52
CA TYR A 37 0.71 -1.52 0.85
C TYR A 37 -0.61 -1.64 1.61
N THR A 38 -0.54 -2.27 2.78
CA THR A 38 -1.72 -2.46 3.62
C THR A 38 -1.83 -1.37 4.68
N CYS A 39 -2.73 -0.42 4.47
CA CYS A 39 -2.92 0.68 5.40
C CYS A 39 -4.09 0.39 6.34
N CYS A 40 -3.81 0.42 7.64
CA CYS A 40 -4.83 0.17 8.66
C CYS A 40 -5.07 1.40 9.52
N ASP A 41 -6.18 1.40 10.23
CA ASP A 41 -6.53 2.53 11.10
C ASP A 41 -5.38 2.87 12.04
N GLY A 1 -9.11 -6.43 15.41
CA GLY A 1 -8.64 -5.24 14.73
C GLY A 1 -9.23 -5.11 13.33
N VAL A 2 -9.27 -3.88 12.82
CA VAL A 2 -9.81 -3.62 11.49
C VAL A 2 -8.71 -3.24 10.51
N CYS A 3 -8.56 -4.04 9.46
CA CYS A 3 -7.54 -3.78 8.44
C CYS A 3 -8.07 -4.10 7.05
N TRP A 4 -7.48 -3.47 6.04
CA TRP A 4 -7.89 -3.69 4.65
C TRP A 4 -6.73 -3.45 3.70
N ASP A 5 -6.44 -4.44 2.86
CA ASP A 5 -5.35 -4.33 1.90
C ASP A 5 -5.88 -3.89 0.54
N THR A 6 -5.01 -3.31 -0.27
CA THR A 6 -5.38 -2.85 -1.60
C THR A 6 -4.69 -3.67 -2.68
N GLY A 7 -5.38 -3.88 -3.80
CA GLY A 7 -4.81 -4.64 -4.90
C GLY A 7 -3.51 -4.05 -5.39
N CYS A 8 -2.94 -4.68 -6.42
CA CYS A 8 -1.67 -4.22 -6.99
C CYS A 8 -1.72 -2.73 -7.30
N GLN A 9 -0.85 -1.96 -6.66
CA GLN A 9 -0.79 -0.52 -6.88
C GLN A 9 0.33 -0.15 -7.85
N LEU A 10 -0.04 0.50 -8.95
CA LEU A 10 0.92 0.91 -9.97
C LEU A 10 1.47 2.30 -9.67
N ASN A 11 0.66 3.11 -8.99
CA ASN A 11 1.06 4.47 -8.64
C ASN A 11 2.45 4.49 -8.01
N ALA A 12 2.81 3.39 -7.35
CA ALA A 12 4.10 3.27 -6.70
C ALA A 12 5.23 3.61 -7.68
N TRP A 13 5.00 3.36 -8.96
CA TRP A 13 5.99 3.64 -9.98
C TRP A 13 6.59 5.03 -9.81
N ALA A 14 5.72 6.02 -9.65
CA ALA A 14 6.16 7.40 -9.47
C ALA A 14 6.36 7.73 -7.99
N VAL A 15 5.35 7.40 -7.18
CA VAL A 15 5.41 7.66 -5.75
C VAL A 15 4.60 6.63 -4.97
N ARG A 16 5.08 6.26 -3.79
CA ARG A 16 4.39 5.28 -2.95
C ARG A 16 4.41 5.72 -1.49
N GLY A 17 3.65 5.01 -0.66
CA GLY A 17 3.59 5.34 0.75
C GLY A 17 2.17 5.54 1.25
N CYS A 18 1.78 4.76 2.24
CA CYS A 18 0.44 4.85 2.81
C CYS A 18 0.14 6.26 3.29
N ALA A 19 1.20 7.01 3.60
CA ALA A 19 1.04 8.38 4.08
C ALA A 19 0.09 9.17 3.19
N GLN A 20 0.11 8.86 1.90
CA GLN A 20 -0.76 9.54 0.94
C GLN A 20 -2.22 9.51 1.41
N TYR A 21 -2.62 8.39 1.97
CA TYR A 21 -3.99 8.23 2.46
C TYR A 21 -4.11 8.70 3.90
N GLY A 22 -2.97 8.89 4.56
CA GLY A 22 -2.97 9.34 5.94
C GLY A 22 -2.97 8.19 6.93
N MET A 23 -2.26 7.12 6.57
CA MET A 23 -2.19 5.94 7.43
C MET A 23 -0.83 5.26 7.29
N ARG A 24 -0.60 4.23 8.09
CA ARG A 24 0.66 3.49 8.05
C ARG A 24 0.44 2.06 7.56
N ASP A 25 1.44 1.53 6.87
CA ASP A 25 1.35 0.17 6.34
C ASP A 25 2.03 -0.82 7.28
N VAL A 26 1.66 -2.09 7.15
CA VAL A 26 2.22 -3.14 7.98
C VAL A 26 2.74 -4.31 7.14
N ASN A 27 2.00 -4.64 6.09
CA ASN A 27 2.37 -5.73 5.20
C ASN A 27 2.44 -5.26 3.75
N MET A 28 3.01 -6.09 2.89
CA MET A 28 3.14 -5.75 1.47
C MET A 28 3.14 -7.02 0.62
N LYS A 29 2.79 -6.87 -0.65
CA LYS A 29 2.75 -8.00 -1.58
C LYS A 29 3.63 -7.73 -2.79
N SER A 30 3.91 -8.78 -3.56
CA SER A 30 4.75 -8.66 -4.74
C SER A 30 3.95 -8.09 -5.92
N CYS A 31 4.60 -7.24 -6.71
CA CYS A 31 3.96 -6.62 -7.86
C CYS A 31 4.99 -6.20 -8.90
N SER A 32 4.65 -6.36 -10.17
CA SER A 32 5.54 -6.00 -11.26
C SER A 32 5.59 -4.49 -11.45
N GLY A 33 6.68 -3.88 -10.99
CA GLY A 33 6.83 -2.44 -11.11
C GLY A 33 6.30 -1.70 -9.90
N GLY A 34 5.15 -2.13 -9.40
CA GLY A 34 4.56 -1.49 -8.24
C GLY A 34 4.66 -2.34 -6.99
N ILE A 35 4.10 -1.85 -5.89
CA ILE A 35 4.12 -2.56 -4.63
C ILE A 35 2.83 -2.35 -3.85
N ILE A 36 2.36 -3.40 -3.19
CA ILE A 36 1.14 -3.33 -2.40
C ILE A 36 1.43 -2.99 -0.95
N TYR A 37 0.59 -2.14 -0.36
CA TYR A 37 0.75 -1.73 1.02
C TYR A 37 -0.51 -1.99 1.83
N THR A 38 -0.37 -2.80 2.89
CA THR A 38 -1.50 -3.14 3.73
C THR A 38 -1.57 -2.22 4.94
N CYS A 39 -2.52 -1.28 4.90
CA CYS A 39 -2.69 -0.32 5.99
C CYS A 39 -3.85 -0.74 6.90
N CYS A 40 -3.70 -0.48 8.20
CA CYS A 40 -4.72 -0.83 9.17
C CYS A 40 -5.09 0.37 10.03
N ASP A 41 -6.39 0.60 10.20
CA ASP A 41 -6.88 1.72 11.00
C ASP A 41 -6.21 1.72 12.38
N GLY A 1 -7.52 -1.54 14.81
CA GLY A 1 -8.97 -1.72 14.79
C GLY A 1 -9.45 -2.30 13.47
N VAL A 2 -9.43 -1.47 12.42
CA VAL A 2 -9.87 -1.90 11.10
C VAL A 2 -8.73 -1.82 10.09
N CYS A 3 -8.43 -2.95 9.46
CA CYS A 3 -7.37 -3.01 8.47
C CYS A 3 -7.91 -3.48 7.12
N TRP A 4 -7.11 -3.27 6.07
CA TRP A 4 -7.51 -3.68 4.72
C TRP A 4 -6.38 -3.42 3.73
N ASP A 5 -6.23 -4.34 2.78
CA ASP A 5 -5.18 -4.22 1.76
C ASP A 5 -5.79 -3.97 0.39
N THR A 6 -5.05 -3.28 -0.47
CA THR A 6 -5.51 -2.97 -1.82
C THR A 6 -4.76 -3.79 -2.86
N GLY A 7 -5.39 -3.98 -4.02
CA GLY A 7 -4.76 -4.75 -5.08
C GLY A 7 -3.43 -4.18 -5.51
N CYS A 8 -2.86 -4.74 -6.57
CA CYS A 8 -1.58 -4.27 -7.08
C CYS A 8 -1.59 -2.76 -7.30
N GLN A 9 -0.70 -2.07 -6.59
CA GLN A 9 -0.60 -0.62 -6.71
C GLN A 9 0.53 -0.22 -7.64
N LEU A 10 0.18 0.34 -8.80
CA LEU A 10 1.18 0.77 -9.78
C LEU A 10 1.58 2.22 -9.54
N ASN A 11 0.69 2.98 -8.92
CA ASN A 11 0.95 4.39 -8.63
C ASN A 11 2.31 4.56 -7.97
N ALA A 12 2.76 3.52 -7.26
CA ALA A 12 4.04 3.56 -6.57
C ALA A 12 5.16 3.97 -7.53
N TRP A 13 4.97 3.69 -8.81
CA TRP A 13 5.96 4.02 -9.82
C TRP A 13 6.46 5.45 -9.64
N ALA A 14 5.52 6.39 -9.49
CA ALA A 14 5.86 7.79 -9.31
C ALA A 14 6.02 8.14 -7.83
N VAL A 15 5.04 7.72 -7.02
CA VAL A 15 5.07 7.99 -5.59
C VAL A 15 4.33 6.90 -4.82
N ARG A 16 4.89 6.51 -3.67
CA ARG A 16 4.29 5.49 -2.84
C ARG A 16 4.34 5.87 -1.37
N GLY A 17 3.65 5.11 -0.53
CA GLY A 17 3.62 5.39 0.90
C GLY A 17 2.22 5.43 1.46
N CYS A 18 1.95 4.60 2.46
CA CYS A 18 0.64 4.54 3.07
C CYS A 18 0.19 5.93 3.53
N ALA A 19 1.16 6.77 3.88
CA ALA A 19 0.87 8.12 4.33
C ALA A 19 -0.08 8.83 3.38
N GLN A 20 0.01 8.49 2.09
CA GLN A 20 -0.85 9.09 1.09
C GLN A 20 -2.32 8.98 1.48
N TYR A 21 -2.67 7.88 2.13
CA TYR A 21 -4.04 7.65 2.57
C TYR A 21 -4.24 8.13 4.00
N GLY A 22 -3.15 8.37 4.70
CA GLY A 22 -3.22 8.83 6.08
C GLY A 22 -3.23 7.68 7.07
N MET A 23 -2.43 6.67 6.80
CA MET A 23 -2.34 5.50 7.68
C MET A 23 -0.94 4.92 7.69
N ARG A 24 -0.71 3.92 8.52
CA ARG A 24 0.59 3.27 8.63
C ARG A 24 0.61 1.96 7.87
N ASP A 25 1.78 1.60 7.35
CA ASP A 25 1.93 0.35 6.60
C ASP A 25 1.96 -0.85 7.53
N VAL A 26 1.56 -2.01 7.01
CA VAL A 26 1.54 -3.23 7.79
C VAL A 26 2.26 -4.37 7.07
N ASN A 27 2.07 -4.43 5.75
CA ASN A 27 2.70 -5.47 4.95
C ASN A 27 2.60 -5.13 3.47
N MET A 28 3.36 -5.86 2.64
CA MET A 28 3.35 -5.64 1.20
C MET A 28 3.24 -6.96 0.45
N LYS A 29 2.83 -6.89 -0.81
CA LYS A 29 2.69 -8.08 -1.64
C LYS A 29 3.55 -7.98 -2.89
N SER A 30 3.72 -9.10 -3.58
CA SER A 30 4.53 -9.14 -4.80
C SER A 30 3.77 -8.50 -5.96
N CYS A 31 4.50 -7.71 -6.75
CA CYS A 31 3.90 -7.03 -7.90
C CYS A 31 4.97 -6.69 -8.94
N SER A 32 4.58 -6.74 -10.22
CA SER A 32 5.50 -6.43 -11.30
C SER A 32 5.62 -4.92 -11.50
N GLY A 33 6.73 -4.35 -11.04
CA GLY A 33 6.95 -2.93 -11.18
C GLY A 33 6.41 -2.15 -10.00
N GLY A 34 5.23 -2.51 -9.53
CA GLY A 34 4.61 -1.83 -8.42
C GLY A 34 4.67 -2.64 -7.14
N ILE A 35 4.11 -2.09 -6.06
CA ILE A 35 4.11 -2.77 -4.78
C ILE A 35 2.84 -2.44 -3.98
N ILE A 36 2.28 -3.45 -3.34
CA ILE A 36 1.06 -3.27 -2.55
C ILE A 36 1.40 -2.82 -1.13
N TYR A 37 0.58 -1.94 -0.59
CA TYR A 37 0.78 -1.42 0.77
C TYR A 37 -0.47 -1.63 1.63
N THR A 38 -0.28 -2.24 2.79
CA THR A 38 -1.39 -2.49 3.70
C THR A 38 -1.53 -1.37 4.73
N CYS A 39 -2.52 -0.51 4.54
CA CYS A 39 -2.76 0.59 5.45
C CYS A 39 -3.91 0.29 6.40
N CYS A 40 -3.60 0.21 7.69
CA CYS A 40 -4.61 -0.07 8.70
C CYS A 40 -4.75 1.09 9.68
N ASP A 41 -5.98 1.44 10.01
CA ASP A 41 -6.24 2.52 10.95
C ASP A 41 -5.59 2.27 12.30
N GLY A 1 -8.91 -3.85 16.05
CA GLY A 1 -8.42 -2.99 14.98
C GLY A 1 -9.01 -3.35 13.63
N VAL A 2 -8.80 -2.48 12.65
CA VAL A 2 -9.33 -2.71 11.31
C VAL A 2 -8.23 -2.54 10.26
N CYS A 3 -7.98 -3.61 9.50
CA CYS A 3 -6.95 -3.58 8.47
C CYS A 3 -7.55 -3.95 7.11
N TRP A 4 -6.97 -3.40 6.04
CA TRP A 4 -7.44 -3.67 4.69
C TRP A 4 -6.34 -3.43 3.67
N ASP A 5 -6.07 -4.45 2.85
CA ASP A 5 -5.03 -4.34 1.83
C ASP A 5 -5.64 -4.10 0.46
N THR A 6 -4.93 -3.35 -0.38
CA THR A 6 -5.41 -3.03 -1.72
C THR A 6 -4.67 -3.84 -2.78
N GLY A 7 -5.33 -4.10 -3.90
CA GLY A 7 -4.72 -4.86 -4.97
C GLY A 7 -3.43 -4.24 -5.46
N CYS A 8 -2.84 -4.83 -6.49
CA CYS A 8 -1.59 -4.33 -7.05
C CYS A 8 -1.69 -2.84 -7.36
N GLN A 9 -0.83 -2.06 -6.72
CA GLN A 9 -0.81 -0.61 -6.93
C GLN A 9 0.28 -0.21 -7.91
N LEU A 10 -0.12 0.47 -8.98
CA LEU A 10 0.83 0.90 -10.00
C LEU A 10 1.36 2.30 -9.69
N ASN A 11 0.57 3.08 -8.96
CA ASN A 11 0.95 4.43 -8.59
C ASN A 11 2.35 4.45 -7.98
N ALA A 12 2.72 3.34 -7.35
CA ALA A 12 4.04 3.23 -6.73
C ALA A 12 5.14 3.61 -7.71
N TRP A 13 4.89 3.38 -8.99
CA TRP A 13 5.87 3.70 -10.03
C TRP A 13 6.45 5.09 -9.82
N ALA A 14 5.57 6.07 -9.63
CA ALA A 14 6.00 7.45 -9.42
C ALA A 14 6.21 7.73 -7.93
N VAL A 15 5.22 7.39 -7.12
CA VAL A 15 5.31 7.61 -5.68
C VAL A 15 4.51 6.56 -4.91
N ARG A 16 5.01 6.17 -3.76
CA ARG A 16 4.35 5.17 -2.92
C ARG A 16 4.40 5.57 -1.45
N GLY A 17 3.65 4.85 -0.62
CA GLY A 17 3.63 5.13 0.80
C GLY A 17 2.22 5.22 1.35
N CYS A 18 1.95 4.51 2.43
CA CYS A 18 0.64 4.51 3.05
C CYS A 18 0.27 5.91 3.54
N ALA A 19 1.28 6.69 3.91
CA ALA A 19 1.06 8.05 4.39
C ALA A 19 0.14 8.82 3.44
N GLN A 20 0.23 8.50 2.16
CA GLN A 20 -0.60 9.17 1.15
C GLN A 20 -2.07 9.13 1.54
N TYR A 21 -2.48 8.04 2.18
CA TYR A 21 -3.87 7.87 2.60
C TYR A 21 -4.05 8.33 4.05
N GLY A 22 -2.94 8.52 4.75
CA GLY A 22 -3.00 8.96 6.14
C GLY A 22 -3.06 7.79 7.10
N MET A 23 -2.30 6.74 6.81
CA MET A 23 -2.27 5.56 7.67
C MET A 23 -0.89 4.91 7.65
N ARG A 24 -0.71 3.88 8.47
CA ARG A 24 0.56 3.17 8.54
C ARG A 24 0.46 1.82 7.85
N ASP A 25 1.57 1.41 7.23
CA ASP A 25 1.61 0.13 6.53
C ASP A 25 1.97 -1.00 7.48
N VAL A 26 1.35 -2.17 7.27
CA VAL A 26 1.61 -3.33 8.11
C VAL A 26 2.30 -4.44 7.32
N ASN A 27 1.87 -4.62 6.08
CA ASN A 27 2.45 -5.64 5.22
C ASN A 27 2.43 -5.21 3.76
N MET A 28 3.16 -5.93 2.92
CA MET A 28 3.21 -5.62 1.49
C MET A 28 3.26 -6.89 0.65
N LYS A 29 2.83 -6.79 -0.60
CA LYS A 29 2.84 -7.94 -1.50
C LYS A 29 3.73 -7.67 -2.71
N SER A 30 4.03 -8.74 -3.45
CA SER A 30 4.88 -8.63 -4.63
C SER A 30 4.09 -8.10 -5.83
N CYS A 31 4.72 -7.27 -6.64
CA CYS A 31 4.08 -6.70 -7.82
C CYS A 31 5.12 -6.28 -8.86
N SER A 32 4.79 -6.48 -10.13
CA SER A 32 5.68 -6.12 -11.22
C SER A 32 5.66 -4.62 -11.48
N GLY A 33 6.70 -3.92 -11.02
CA GLY A 33 6.77 -2.49 -11.22
C GLY A 33 6.16 -1.72 -10.06
N GLY A 34 5.02 -2.19 -9.56
CA GLY A 34 4.35 -1.53 -8.47
C GLY A 34 4.52 -2.26 -7.16
N ILE A 35 3.88 -1.75 -6.10
CA ILE A 35 3.97 -2.37 -4.79
C ILE A 35 2.66 -2.25 -4.04
N ILE A 36 2.31 -3.28 -3.27
CA ILE A 36 1.08 -3.29 -2.50
C ILE A 36 1.33 -2.88 -1.05
N TYR A 37 0.54 -1.94 -0.56
CA TYR A 37 0.68 -1.47 0.82
C TYR A 37 -0.64 -1.58 1.58
N THR A 38 -0.61 -2.25 2.71
CA THR A 38 -1.80 -2.44 3.53
C THR A 38 -1.90 -1.37 4.61
N CYS A 39 -2.79 -0.40 4.40
CA CYS A 39 -2.98 0.69 5.35
C CYS A 39 -4.15 0.39 6.28
N CYS A 40 -3.91 0.52 7.58
CA CYS A 40 -4.94 0.27 8.58
C CYS A 40 -5.28 1.55 9.34
N ASP A 41 -6.58 1.78 9.54
CA ASP A 41 -7.03 2.97 10.26
C ASP A 41 -6.92 2.77 11.77
N GLY A 1 -7.36 -4.45 14.95
CA GLY A 1 -8.64 -3.79 14.77
C GLY A 1 -9.19 -3.93 13.37
N VAL A 2 -9.05 -2.88 12.57
CA VAL A 2 -9.54 -2.89 11.20
C VAL A 2 -8.39 -2.78 10.21
N CYS A 3 -8.29 -3.75 9.31
CA CYS A 3 -7.23 -3.76 8.30
C CYS A 3 -7.80 -4.06 6.91
N TRP A 4 -7.14 -3.55 5.89
CA TRP A 4 -7.58 -3.77 4.51
C TRP A 4 -6.44 -3.54 3.54
N ASP A 5 -6.17 -4.53 2.69
CA ASP A 5 -5.10 -4.43 1.70
C ASP A 5 -5.67 -4.19 0.31
N THR A 6 -5.02 -3.32 -0.46
CA THR A 6 -5.46 -3.00 -1.81
C THR A 6 -4.70 -3.82 -2.84
N GLY A 7 -5.35 -4.08 -3.97
CA GLY A 7 -4.72 -4.85 -5.02
C GLY A 7 -3.43 -4.23 -5.51
N CYS A 8 -2.84 -4.81 -6.55
CA CYS A 8 -1.59 -4.31 -7.10
C CYS A 8 -1.69 -2.81 -7.39
N GLN A 9 -0.83 -2.03 -6.74
CA GLN A 9 -0.82 -0.59 -6.94
C GLN A 9 0.28 -0.17 -7.90
N LEU A 10 -0.11 0.46 -9.00
CA LEU A 10 0.84 0.91 -10.01
C LEU A 10 1.35 2.30 -9.69
N ASN A 11 0.54 3.08 -8.98
CA ASN A 11 0.91 4.43 -8.60
C ASN A 11 2.30 4.47 -7.97
N ALA A 12 2.69 3.35 -7.35
CA ALA A 12 3.99 3.25 -6.71
C ALA A 12 5.10 3.64 -7.67
N TRP A 13 4.87 3.43 -8.96
CA TRP A 13 5.85 3.75 -9.99
C TRP A 13 6.43 5.14 -9.77
N ALA A 14 5.54 6.12 -9.56
CA ALA A 14 5.95 7.49 -9.34
C ALA A 14 6.17 7.77 -7.86
N VAL A 15 5.17 7.42 -7.04
CA VAL A 15 5.25 7.63 -5.60
C VAL A 15 4.45 6.58 -4.85
N ARG A 16 4.95 6.18 -3.69
CA ARG A 16 4.27 5.18 -2.87
C ARG A 16 4.37 5.52 -1.39
N GLY A 17 3.63 4.79 -0.56
CA GLY A 17 3.65 5.04 0.87
C GLY A 17 2.26 5.22 1.45
N CYS A 18 1.93 4.41 2.45
CA CYS A 18 0.62 4.47 3.09
C CYS A 18 0.30 5.90 3.52
N ALA A 19 1.34 6.67 3.84
CA ALA A 19 1.15 8.06 4.27
C ALA A 19 0.27 8.81 3.29
N GLN A 20 0.34 8.44 2.02
CA GLN A 20 -0.47 9.10 0.98
C GLN A 20 -1.93 9.12 1.38
N TYR A 21 -2.38 8.06 2.06
CA TYR A 21 -3.77 7.96 2.49
C TYR A 21 -3.94 8.47 3.93
N GLY A 22 -2.81 8.63 4.61
CA GLY A 22 -2.86 9.10 5.99
C GLY A 22 -2.96 7.97 6.99
N MET A 23 -2.21 6.89 6.74
CA MET A 23 -2.23 5.74 7.64
C MET A 23 -0.86 5.06 7.67
N ARG A 24 -0.73 4.06 8.53
CA ARG A 24 0.52 3.32 8.65
C ARG A 24 0.45 1.99 7.92
N ASP A 25 1.59 1.55 7.38
CA ASP A 25 1.65 0.28 6.67
C ASP A 25 1.78 -0.89 7.64
N VAL A 26 1.43 -2.09 7.16
CA VAL A 26 1.51 -3.28 7.99
C VAL A 26 2.26 -4.40 7.27
N ASN A 27 2.02 -4.52 5.97
CA ASN A 27 2.67 -5.54 5.16
C ASN A 27 2.72 -5.14 3.69
N MET A 28 3.50 -5.85 2.90
CA MET A 28 3.63 -5.57 1.47
C MET A 28 3.52 -6.85 0.66
N LYS A 29 3.05 -6.71 -0.58
CA LYS A 29 2.90 -7.85 -1.48
C LYS A 29 3.79 -7.70 -2.70
N SER A 30 3.94 -8.80 -3.45
CA SER A 30 4.77 -8.79 -4.65
C SER A 30 4.00 -8.22 -5.83
N CYS A 31 4.67 -7.38 -6.63
CA CYS A 31 4.04 -6.78 -7.80
C CYS A 31 5.10 -6.34 -8.81
N SER A 32 4.78 -6.51 -10.09
CA SER A 32 5.70 -6.14 -11.15
C SER A 32 5.65 -4.64 -11.42
N GLY A 33 6.67 -3.92 -10.95
CA GLY A 33 6.71 -2.48 -11.15
C GLY A 33 6.07 -1.72 -10.01
N GLY A 34 4.94 -2.23 -9.52
CA GLY A 34 4.24 -1.57 -8.43
C GLY A 34 4.43 -2.29 -7.11
N ILE A 35 3.81 -1.76 -6.07
CA ILE A 35 3.91 -2.35 -4.73
C ILE A 35 2.60 -2.21 -3.96
N ILE A 36 2.22 -3.27 -3.26
CA ILE A 36 0.98 -3.26 -2.48
C ILE A 36 1.26 -2.87 -1.03
N TYR A 37 0.47 -1.94 -0.52
CA TYR A 37 0.61 -1.48 0.86
C TYR A 37 -0.69 -1.60 1.63
N THR A 38 -0.66 -2.30 2.76
CA THR A 38 -1.83 -2.49 3.59
C THR A 38 -1.90 -1.45 4.70
N CYS A 39 -2.78 -0.47 4.54
CA CYS A 39 -2.95 0.59 5.53
C CYS A 39 -4.07 0.26 6.50
N CYS A 40 -3.78 0.31 7.79
CA CYS A 40 -4.77 0.03 8.82
C CYS A 40 -4.97 1.22 9.74
N ASP A 41 -6.05 1.19 10.51
CA ASP A 41 -6.37 2.28 11.43
C ASP A 41 -5.17 2.59 12.32
N GLY A 1 -7.08 -3.04 14.89
CA GLY A 1 -8.52 -2.87 14.81
C GLY A 1 -9.06 -3.28 13.46
N VAL A 2 -9.12 -2.34 12.53
CA VAL A 2 -9.64 -2.62 11.19
C VAL A 2 -8.56 -2.42 10.13
N CYS A 3 -8.21 -3.49 9.44
CA CYS A 3 -7.19 -3.44 8.39
C CYS A 3 -7.77 -3.83 7.04
N TRP A 4 -7.13 -3.39 5.97
CA TRP A 4 -7.58 -3.69 4.62
C TRP A 4 -6.48 -3.38 3.60
N ASP A 5 -6.10 -4.40 2.83
CA ASP A 5 -5.07 -4.23 1.81
C ASP A 5 -5.69 -3.99 0.44
N THR A 6 -4.98 -3.26 -0.41
CA THR A 6 -5.46 -2.95 -1.75
C THR A 6 -4.71 -3.77 -2.80
N GLY A 7 -5.38 -4.00 -3.93
CA GLY A 7 -4.76 -4.77 -5.00
C GLY A 7 -3.46 -4.16 -5.48
N CYS A 8 -2.87 -4.76 -6.51
CA CYS A 8 -1.61 -4.27 -7.06
C CYS A 8 -1.68 -2.77 -7.36
N GLN A 9 -0.82 -2.01 -6.69
CA GLN A 9 -0.79 -0.56 -6.89
C GLN A 9 0.33 -0.16 -7.83
N LEU A 10 -0.04 0.51 -8.93
CA LEU A 10 0.94 0.95 -9.91
C LEU A 10 1.44 2.36 -9.60
N ASN A 11 0.60 3.12 -8.91
CA ASN A 11 0.95 4.49 -8.54
C ASN A 11 2.33 4.54 -7.89
N ALA A 12 2.72 3.44 -7.24
CA ALA A 12 4.01 3.36 -6.58
C ALA A 12 5.14 3.76 -7.53
N TRP A 13 4.93 3.53 -8.82
CA TRP A 13 5.94 3.87 -9.82
C TRP A 13 6.46 5.29 -9.62
N ALA A 14 5.54 6.24 -9.48
CA ALA A 14 5.90 7.63 -9.28
C ALA A 14 6.03 7.96 -7.80
N VAL A 15 5.01 7.60 -7.03
CA VAL A 15 5.01 7.85 -5.59
C VAL A 15 4.35 6.71 -4.83
N ARG A 16 4.96 6.33 -3.71
CA ARG A 16 4.43 5.25 -2.89
C ARG A 16 4.46 5.62 -1.41
N GLY A 17 3.70 4.88 -0.61
CA GLY A 17 3.64 5.15 0.82
C GLY A 17 2.22 5.29 1.34
N CYS A 18 1.89 4.50 2.35
CA CYS A 18 0.55 4.53 2.93
C CYS A 18 0.19 5.94 3.38
N ALA A 19 1.20 6.73 3.70
CA ALA A 19 0.99 8.11 4.14
C ALA A 19 0.05 8.84 3.20
N GLN A 20 0.09 8.49 1.92
CA GLN A 20 -0.75 9.12 0.91
C GLN A 20 -2.21 9.09 1.35
N TYR A 21 -2.61 8.03 2.04
CA TYR A 21 -3.97 7.88 2.51
C TYR A 21 -4.11 8.36 3.95
N GLY A 22 -2.98 8.55 4.62
CA GLY A 22 -3.00 9.01 5.99
C GLY A 22 -3.03 7.86 6.98
N MET A 23 -2.27 6.80 6.68
CA MET A 23 -2.22 5.64 7.56
C MET A 23 -0.84 4.99 7.52
N ARG A 24 -0.64 3.97 8.34
CA ARG A 24 0.64 3.27 8.40
C ARG A 24 0.53 1.89 7.75
N ASP A 25 1.60 1.47 7.09
CA ASP A 25 1.62 0.17 6.42
C ASP A 25 1.98 -0.94 7.40
N VAL A 26 1.33 -2.09 7.25
CA VAL A 26 1.59 -3.23 8.13
C VAL A 26 2.18 -4.39 7.34
N ASN A 27 1.75 -4.55 6.09
CA ASN A 27 2.24 -5.62 5.24
C ASN A 27 2.26 -5.19 3.78
N MET A 28 2.98 -5.95 2.95
CA MET A 28 3.08 -5.65 1.54
C MET A 28 3.09 -6.92 0.70
N LYS A 29 2.79 -6.79 -0.58
CA LYS A 29 2.75 -7.93 -1.48
C LYS A 29 3.64 -7.70 -2.69
N SER A 30 3.92 -8.76 -3.44
CA SER A 30 4.77 -8.66 -4.62
C SER A 30 3.98 -8.13 -5.81
N CYS A 31 4.65 -7.34 -6.65
CA CYS A 31 4.01 -6.76 -7.83
C CYS A 31 5.05 -6.39 -8.89
N SER A 32 4.69 -6.59 -10.15
CA SER A 32 5.60 -6.28 -11.25
C SER A 32 5.65 -4.78 -11.52
N GLY A 33 6.73 -4.14 -11.08
CA GLY A 33 6.87 -2.71 -11.28
C GLY A 33 6.35 -1.90 -10.11
N GLY A 34 5.24 -2.36 -9.53
CA GLY A 34 4.66 -1.65 -8.40
C GLY A 34 4.73 -2.46 -7.12
N ILE A 35 4.09 -1.96 -6.06
CA ILE A 35 4.09 -2.64 -4.78
C ILE A 35 2.78 -2.42 -4.04
N ILE A 36 2.35 -3.41 -3.27
CA ILE A 36 1.12 -3.32 -2.50
C ILE A 36 1.40 -2.91 -1.06
N TYR A 37 0.59 -1.98 -0.55
CA TYR A 37 0.75 -1.50 0.81
C TYR A 37 -0.57 -1.64 1.60
N THR A 38 -0.50 -2.33 2.72
CA THR A 38 -1.69 -2.53 3.56
C THR A 38 -1.76 -1.48 4.66
N CYS A 39 -2.65 -0.52 4.49
CA CYS A 39 -2.83 0.55 5.47
C CYS A 39 -3.88 0.16 6.50
N CYS A 40 -3.47 0.10 7.76
CA CYS A 40 -4.38 -0.26 8.85
C CYS A 40 -4.19 0.69 10.03
N ASP A 41 -5.31 1.05 10.67
CA ASP A 41 -5.27 1.94 11.82
C ASP A 41 -4.32 1.42 12.89
N GLY A 1 -9.13 -2.17 15.84
CA GLY A 1 -8.64 -1.43 14.69
C GLY A 1 -8.98 -2.10 13.38
N VAL A 2 -9.62 -1.37 12.47
CA VAL A 2 -10.00 -1.90 11.17
C VAL A 2 -8.87 -1.77 10.17
N CYS A 3 -8.55 -2.88 9.51
CA CYS A 3 -7.48 -2.89 8.51
C CYS A 3 -8.01 -3.33 7.14
N TRP A 4 -7.21 -3.11 6.12
CA TRP A 4 -7.60 -3.48 4.75
C TRP A 4 -6.47 -3.20 3.77
N ASP A 5 -6.21 -4.16 2.89
CA ASP A 5 -5.16 -4.02 1.89
C ASP A 5 -5.75 -3.79 0.49
N THR A 6 -4.95 -3.20 -0.39
CA THR A 6 -5.40 -2.93 -1.75
C THR A 6 -4.63 -3.79 -2.76
N GLY A 7 -5.28 -4.08 -3.89
CA GLY A 7 -4.65 -4.88 -4.92
C GLY A 7 -3.36 -4.26 -5.43
N CYS A 8 -2.80 -4.85 -6.48
CA CYS A 8 -1.55 -4.35 -7.05
C CYS A 8 -1.65 -2.86 -7.35
N GLN A 9 -0.77 -2.09 -6.72
CA GLN A 9 -0.75 -0.64 -6.91
C GLN A 9 0.33 -0.23 -7.90
N LEU A 10 -0.07 0.39 -9.00
CA LEU A 10 0.86 0.84 -10.03
C LEU A 10 1.34 2.26 -9.76
N ASN A 11 0.46 3.06 -9.16
CA ASN A 11 0.80 4.44 -8.84
C ASN A 11 2.14 4.53 -8.13
N ALA A 12 2.51 3.46 -7.43
CA ALA A 12 3.78 3.42 -6.72
C ALA A 12 4.94 3.77 -7.63
N TRP A 13 4.78 3.49 -8.92
CA TRP A 13 5.83 3.78 -9.90
C TRP A 13 6.39 5.18 -9.70
N ALA A 14 5.49 6.16 -9.58
CA ALA A 14 5.90 7.54 -9.37
C ALA A 14 6.04 7.87 -7.88
N VAL A 15 5.01 7.54 -7.12
CA VAL A 15 5.01 7.80 -5.69
C VAL A 15 4.26 6.72 -4.92
N ARG A 16 4.82 6.27 -3.81
CA ARG A 16 4.19 5.23 -2.99
C ARG A 16 4.31 5.58 -1.51
N GLY A 17 3.55 4.85 -0.68
CA GLY A 17 3.59 5.09 0.75
C GLY A 17 2.20 5.22 1.35
N CYS A 18 1.90 4.39 2.33
CA CYS A 18 0.59 4.41 2.99
C CYS A 18 0.25 5.82 3.45
N ALA A 19 1.28 6.59 3.79
CA ALA A 19 1.09 7.96 4.25
C ALA A 19 0.16 8.73 3.31
N GLN A 20 0.22 8.40 2.03
CA GLN A 20 -0.61 9.07 1.03
C GLN A 20 -2.08 9.05 1.46
N TYR A 21 -2.50 7.97 2.11
CA TYR A 21 -3.86 7.82 2.57
C TYR A 21 -4.02 8.28 4.01
N GLY A 22 -2.89 8.44 4.70
CA GLY A 22 -2.91 8.87 6.08
C GLY A 22 -2.98 7.70 7.05
N MET A 23 -2.22 6.65 6.76
CA MET A 23 -2.20 5.46 7.62
C MET A 23 -0.82 4.82 7.60
N ARG A 24 -0.65 3.79 8.42
CA ARG A 24 0.61 3.08 8.51
C ARG A 24 0.54 1.75 7.77
N ASP A 25 1.69 1.28 7.29
CA ASP A 25 1.76 0.02 6.56
C ASP A 25 2.12 -1.13 7.50
N VAL A 26 1.43 -2.25 7.34
CA VAL A 26 1.67 -3.43 8.17
C VAL A 26 2.30 -4.56 7.36
N ASN A 27 1.83 -4.72 6.12
CA ASN A 27 2.36 -5.77 5.24
C ASN A 27 2.34 -5.31 3.79
N MET A 28 3.09 -6.00 2.94
CA MET A 28 3.16 -5.67 1.52
C MET A 28 3.19 -6.93 0.68
N LYS A 29 2.86 -6.79 -0.60
CA LYS A 29 2.87 -7.92 -1.53
C LYS A 29 3.77 -7.65 -2.72
N SER A 30 4.08 -8.69 -3.48
CA SER A 30 4.93 -8.57 -4.65
C SER A 30 4.13 -8.07 -5.86
N CYS A 31 4.77 -7.24 -6.67
CA CYS A 31 4.13 -6.69 -7.87
C CYS A 31 5.16 -6.27 -8.90
N SER A 32 4.81 -6.43 -10.17
CA SER A 32 5.71 -6.07 -11.27
C SER A 32 5.71 -4.57 -11.49
N GLY A 33 6.79 -3.91 -11.06
CA GLY A 33 6.89 -2.48 -11.22
C GLY A 33 6.36 -1.71 -10.03
N GLY A 34 5.24 -2.17 -9.50
CA GLY A 34 4.63 -1.51 -8.34
C GLY A 34 4.71 -2.35 -7.09
N ILE A 35 4.15 -1.84 -6.00
CA ILE A 35 4.16 -2.55 -4.73
C ILE A 35 2.84 -2.37 -3.99
N ILE A 36 2.44 -3.39 -3.24
CA ILE A 36 1.20 -3.34 -2.47
C ILE A 36 1.46 -2.96 -1.02
N TYR A 37 0.66 -2.03 -0.50
CA TYR A 37 0.81 -1.59 0.89
C TYR A 37 -0.51 -1.73 1.64
N THR A 38 -0.45 -2.37 2.80
CA THR A 38 -1.64 -2.58 3.63
C THR A 38 -1.76 -1.48 4.67
N CYS A 39 -2.69 -0.56 4.45
CA CYS A 39 -2.92 0.54 5.37
C CYS A 39 -4.06 0.23 6.33
N CYS A 40 -3.77 0.26 7.62
CA CYS A 40 -4.78 -0.03 8.64
C CYS A 40 -5.01 1.19 9.53
N ASP A 41 -6.26 1.41 9.89
CA ASP A 41 -6.62 2.54 10.75
C ASP A 41 -6.98 2.07 12.16
N GLY A 1 -7.98 -5.94 15.61
CA GLY A 1 -7.03 -5.55 14.58
C GLY A 1 -7.69 -5.38 13.22
N VAL A 2 -8.01 -4.15 12.86
CA VAL A 2 -8.65 -3.85 11.59
C VAL A 2 -7.61 -3.51 10.52
N CYS A 3 -7.55 -4.34 9.47
CA CYS A 3 -6.61 -4.13 8.39
C CYS A 3 -7.26 -4.40 7.04
N TRP A 4 -6.61 -3.95 5.97
CA TRP A 4 -7.13 -4.15 4.62
C TRP A 4 -6.08 -3.78 3.58
N ASP A 5 -5.79 -4.71 2.68
CA ASP A 5 -4.81 -4.49 1.63
C ASP A 5 -5.49 -4.21 0.29
N THR A 6 -4.96 -3.26 -0.46
CA THR A 6 -5.52 -2.89 -1.75
C THR A 6 -4.85 -3.67 -2.88
N GLY A 7 -5.55 -3.80 -4.00
CA GLY A 7 -5.01 -4.53 -5.14
C GLY A 7 -3.66 -3.99 -5.58
N CYS A 8 -3.08 -4.62 -6.59
CA CYS A 8 -1.78 -4.21 -7.10
C CYS A 8 -1.77 -2.71 -7.41
N GLN A 9 -0.90 -1.98 -6.72
CA GLN A 9 -0.79 -0.53 -6.92
C GLN A 9 0.40 -0.20 -7.82
N LEU A 10 0.11 0.39 -8.98
CA LEU A 10 1.15 0.76 -9.93
C LEU A 10 1.63 2.18 -9.68
N ASN A 11 0.78 2.99 -9.04
CA ASN A 11 1.12 4.37 -8.74
C ASN A 11 2.48 4.46 -8.06
N ALA A 12 2.86 3.40 -7.36
CA ALA A 12 4.14 3.35 -6.66
C ALA A 12 5.29 3.71 -7.61
N TRP A 13 5.09 3.44 -8.89
CA TRP A 13 6.11 3.73 -9.89
C TRP A 13 6.69 5.13 -9.69
N ALA A 14 5.82 6.11 -9.54
CA ALA A 14 6.25 7.49 -9.33
C ALA A 14 6.41 7.80 -7.84
N VAL A 15 5.38 7.48 -7.07
CA VAL A 15 5.40 7.73 -5.64
C VAL A 15 4.56 6.70 -4.88
N ARG A 16 5.01 6.34 -3.69
CA ARG A 16 4.30 5.36 -2.86
C ARG A 16 4.38 5.73 -1.39
N GLY A 17 3.61 5.03 -0.57
CA GLY A 17 3.59 5.29 0.86
C GLY A 17 2.19 5.41 1.42
N CYS A 18 1.89 4.56 2.41
CA CYS A 18 0.58 4.56 3.03
C CYS A 18 0.19 5.97 3.47
N ALA A 19 1.18 6.77 3.82
CA ALA A 19 0.94 8.14 4.26
C ALA A 19 0.02 8.88 3.30
N GLN A 20 0.11 8.53 2.02
CA GLN A 20 -0.72 9.16 1.00
C GLN A 20 -2.19 9.09 1.37
N TYR A 21 -2.58 8.01 2.03
CA TYR A 21 -3.97 7.82 2.44
C TYR A 21 -4.19 8.33 3.86
N GLY A 22 -3.09 8.57 4.57
CA GLY A 22 -3.18 9.06 5.94
C GLY A 22 -3.22 7.94 6.95
N MET A 23 -2.46 6.88 6.70
CA MET A 23 -2.42 5.73 7.61
C MET A 23 -1.04 5.09 7.60
N ARG A 24 -0.85 4.10 8.46
CA ARG A 24 0.43 3.40 8.57
C ARG A 24 0.36 2.04 7.89
N ASP A 25 1.46 1.62 7.27
CA ASP A 25 1.52 0.34 6.58
C ASP A 25 1.85 -0.78 7.56
N VAL A 26 1.42 -1.99 7.22
CA VAL A 26 1.67 -3.15 8.08
C VAL A 26 2.29 -4.30 7.29
N ASN A 27 1.82 -4.48 6.06
CA ASN A 27 2.33 -5.54 5.19
C ASN A 27 2.32 -5.10 3.74
N MET A 28 2.99 -5.88 2.89
CA MET A 28 3.06 -5.57 1.46
C MET A 28 3.08 -6.85 0.63
N LYS A 29 2.55 -6.76 -0.58
CA LYS A 29 2.50 -7.92 -1.48
C LYS A 29 3.40 -7.70 -2.69
N SER A 30 3.66 -8.77 -3.43
CA SER A 30 4.52 -8.70 -4.61
C SER A 30 3.73 -8.14 -5.81
N CYS A 31 4.42 -7.38 -6.64
CA CYS A 31 3.79 -6.78 -7.83
C CYS A 31 4.84 -6.46 -8.88
N SER A 32 4.43 -6.52 -10.14
CA SER A 32 5.34 -6.23 -11.25
C SER A 32 5.46 -4.73 -11.48
N GLY A 33 6.58 -4.16 -11.03
CA GLY A 33 6.81 -2.74 -11.19
C GLY A 33 6.31 -1.93 -10.00
N GLY A 34 5.13 -2.30 -9.51
CA GLY A 34 4.55 -1.59 -8.38
C GLY A 34 4.63 -2.39 -7.10
N ILE A 35 4.01 -1.87 -6.04
CA ILE A 35 4.01 -2.55 -4.75
C ILE A 35 2.72 -2.29 -3.99
N ILE A 36 2.25 -3.30 -3.27
CA ILE A 36 1.01 -3.17 -2.49
C ILE A 36 1.31 -2.80 -1.04
N TYR A 37 0.53 -1.88 -0.50
CA TYR A 37 0.72 -1.44 0.87
C TYR A 37 -0.58 -1.57 1.66
N THR A 38 -0.51 -2.27 2.79
CA THR A 38 -1.68 -2.48 3.65
C THR A 38 -1.75 -1.42 4.74
N CYS A 39 -2.64 -0.47 4.58
CA CYS A 39 -2.81 0.60 5.56
C CYS A 39 -3.90 0.25 6.56
N CYS A 40 -3.55 0.29 7.85
CA CYS A 40 -4.50 -0.04 8.91
C CYS A 40 -4.68 1.16 9.84
N ASP A 41 -5.67 1.06 10.72
CA ASP A 41 -5.96 2.12 11.67
C ASP A 41 -4.77 2.36 12.60
N GLY A 1 -6.96 -5.22 15.28
CA GLY A 1 -7.66 -4.05 14.79
C GLY A 1 -8.26 -4.27 13.41
N VAL A 2 -8.49 -3.18 12.68
CA VAL A 2 -9.06 -3.26 11.35
C VAL A 2 -7.99 -3.07 10.28
N CYS A 3 -7.84 -4.06 9.42
CA CYS A 3 -6.84 -4.01 8.35
C CYS A 3 -7.49 -4.27 6.99
N TRP A 4 -6.83 -3.84 5.93
CA TRP A 4 -7.33 -4.04 4.57
C TRP A 4 -6.27 -3.69 3.54
N ASP A 5 -5.96 -4.66 2.67
CA ASP A 5 -4.97 -4.46 1.63
C ASP A 5 -5.63 -4.19 0.29
N THR A 6 -5.03 -3.29 -0.48
CA THR A 6 -5.56 -2.93 -1.80
C THR A 6 -4.87 -3.72 -2.91
N GLY A 7 -5.53 -3.83 -4.05
CA GLY A 7 -4.96 -4.55 -5.17
C GLY A 7 -3.61 -4.02 -5.58
N CYS A 8 -3.03 -4.60 -6.63
CA CYS A 8 -1.73 -4.18 -7.11
C CYS A 8 -1.70 -2.67 -7.35
N GLN A 9 -0.81 -1.99 -6.64
CA GLN A 9 -0.68 -0.54 -6.78
C GLN A 9 0.50 -0.18 -7.67
N LEU A 10 0.19 0.36 -8.85
CA LEU A 10 1.22 0.75 -9.80
C LEU A 10 1.64 2.19 -9.59
N ASN A 11 0.75 2.99 -9.00
CA ASN A 11 1.03 4.40 -8.73
C ASN A 11 2.36 4.56 -8.01
N ALA A 12 2.77 3.53 -7.28
CA ALA A 12 4.02 3.55 -6.54
C ALA A 12 5.18 3.95 -7.46
N TRP A 13 5.04 3.67 -8.75
CA TRP A 13 6.07 4.00 -9.72
C TRP A 13 6.58 5.42 -9.52
N ALA A 14 5.65 6.37 -9.42
CA ALA A 14 6.01 7.77 -9.22
C ALA A 14 6.10 8.11 -7.74
N VAL A 15 5.06 7.75 -6.99
CA VAL A 15 5.02 8.01 -5.56
C VAL A 15 4.30 6.89 -4.81
N ARG A 16 4.88 6.48 -3.69
CA ARG A 16 4.28 5.42 -2.88
C ARG A 16 4.34 5.77 -1.40
N GLY A 17 3.66 4.97 -0.58
CA GLY A 17 3.64 5.21 0.85
C GLY A 17 2.24 5.33 1.40
N CYS A 18 1.93 4.52 2.40
CA CYS A 18 0.60 4.53 3.02
C CYS A 18 0.22 5.94 3.44
N ALA A 19 1.22 6.75 3.77
CA ALA A 19 0.99 8.12 4.20
C ALA A 19 0.06 8.84 3.23
N GLN A 20 0.14 8.47 1.95
CA GLN A 20 -0.69 9.09 0.92
C GLN A 20 -2.16 9.06 1.33
N TYR A 21 -2.56 8.00 2.02
CA TYR A 21 -3.94 7.85 2.46
C TYR A 21 -4.12 8.36 3.89
N GLY A 22 -3.01 8.57 4.57
CA GLY A 22 -3.05 9.05 5.94
C GLY A 22 -3.11 7.93 6.96
N MET A 23 -2.34 6.87 6.70
CA MET A 23 -2.31 5.71 7.60
C MET A 23 -0.93 5.07 7.61
N ARG A 24 -0.75 4.07 8.47
CA ARG A 24 0.52 3.38 8.57
C ARG A 24 0.46 2.02 7.86
N ASP A 25 1.59 1.61 7.29
CA ASP A 25 1.66 0.34 6.58
C ASP A 25 1.95 -0.80 7.54
N VAL A 26 1.56 -2.01 7.16
CA VAL A 26 1.78 -3.19 8.00
C VAL A 26 2.45 -4.31 7.20
N ASN A 27 2.02 -4.47 5.96
CA ASN A 27 2.57 -5.51 5.09
C ASN A 27 2.52 -5.08 3.62
N MET A 28 3.23 -5.81 2.76
CA MET A 28 3.26 -5.50 1.34
C MET A 28 3.25 -6.78 0.51
N LYS A 29 2.49 -6.76 -0.58
CA LYS A 29 2.40 -7.92 -1.46
C LYS A 29 3.32 -7.76 -2.67
N SER A 30 3.53 -8.86 -3.40
CA SER A 30 4.39 -8.84 -4.57
C SER A 30 3.65 -8.28 -5.78
N CYS A 31 4.37 -7.54 -6.62
CA CYS A 31 3.78 -6.95 -7.81
C CYS A 31 4.85 -6.65 -8.85
N SER A 32 4.46 -6.74 -10.13
CA SER A 32 5.39 -6.48 -11.22
C SER A 32 5.58 -4.98 -11.46
N GLY A 33 6.71 -4.46 -10.99
CA GLY A 33 6.98 -3.04 -11.15
C GLY A 33 6.47 -2.22 -9.98
N GLY A 34 5.27 -2.53 -9.51
CA GLY A 34 4.69 -1.81 -8.40
C GLY A 34 4.70 -2.61 -7.11
N ILE A 35 4.11 -2.05 -6.06
CA ILE A 35 4.05 -2.73 -4.77
C ILE A 35 2.76 -2.38 -4.02
N ILE A 36 2.23 -3.35 -3.29
CA ILE A 36 1.01 -3.14 -2.53
C ILE A 36 1.32 -2.73 -1.10
N TYR A 37 0.49 -1.83 -0.56
CA TYR A 37 0.68 -1.34 0.80
C TYR A 37 -0.59 -1.52 1.62
N THR A 38 -0.46 -2.21 2.76
CA THR A 38 -1.60 -2.45 3.64
C THR A 38 -1.70 -1.38 4.73
N CYS A 39 -2.64 -0.47 4.56
CA CYS A 39 -2.85 0.61 5.53
C CYS A 39 -3.96 0.25 6.51
N CYS A 40 -3.62 0.20 7.79
CA CYS A 40 -4.59 -0.13 8.83
C CYS A 40 -4.76 1.04 9.80
N ASP A 41 -5.77 0.95 10.66
CA ASP A 41 -6.04 2.00 11.64
C ASP A 41 -5.39 1.68 12.97
N GLY A 1 -7.65 -2.69 14.69
CA GLY A 1 -9.09 -2.82 14.52
C GLY A 1 -9.48 -3.16 13.11
N VAL A 2 -10.10 -2.21 12.41
CA VAL A 2 -10.53 -2.42 11.04
C VAL A 2 -9.35 -2.34 10.07
N CYS A 3 -9.09 -3.44 9.37
CA CYS A 3 -7.99 -3.48 8.41
C CYS A 3 -8.51 -3.76 7.00
N TRP A 4 -7.66 -3.49 6.01
CA TRP A 4 -8.03 -3.71 4.62
C TRP A 4 -6.84 -3.46 3.69
N ASP A 5 -6.52 -4.44 2.87
CA ASP A 5 -5.41 -4.32 1.93
C ASP A 5 -5.90 -3.89 0.56
N THR A 6 -5.01 -3.26 -0.21
CA THR A 6 -5.36 -2.80 -1.56
C THR A 6 -4.66 -3.63 -2.62
N GLY A 7 -5.34 -3.87 -3.73
CA GLY A 7 -4.77 -4.65 -4.81
C GLY A 7 -3.47 -4.07 -5.32
N CYS A 8 -2.90 -4.69 -6.34
CA CYS A 8 -1.64 -4.23 -6.91
C CYS A 8 -1.70 -2.74 -7.25
N GLN A 9 -0.83 -1.97 -6.63
CA GLN A 9 -0.79 -0.53 -6.86
C GLN A 9 0.32 -0.16 -7.84
N LEU A 10 -0.06 0.49 -8.94
CA LEU A 10 0.91 0.89 -9.95
C LEU A 10 1.46 2.30 -9.66
N ASN A 11 0.67 3.09 -8.95
CA ASN A 11 1.07 4.45 -8.59
C ASN A 11 2.48 4.46 -8.00
N ALA A 12 2.86 3.36 -7.36
CA ALA A 12 4.17 3.24 -6.75
C ALA A 12 5.27 3.59 -7.74
N TRP A 13 5.01 3.36 -9.02
CA TRP A 13 5.97 3.65 -10.07
C TRP A 13 6.56 5.04 -9.90
N ALA A 14 5.68 6.03 -9.76
CA ALA A 14 6.12 7.41 -9.59
C ALA A 14 6.30 7.76 -8.12
N VAL A 15 5.27 7.45 -7.32
CA VAL A 15 5.31 7.73 -5.89
C VAL A 15 4.56 6.66 -5.10
N ARG A 16 5.02 6.39 -3.88
CA ARG A 16 4.39 5.40 -3.03
C ARG A 16 4.38 5.85 -1.57
N GLY A 17 3.66 5.11 -0.74
CA GLY A 17 3.59 5.45 0.68
C GLY A 17 2.17 5.63 1.16
N CYS A 18 1.77 4.83 2.13
CA CYS A 18 0.42 4.90 2.69
C CYS A 18 0.14 6.30 3.25
N ALA A 19 1.20 7.03 3.57
CA ALA A 19 1.06 8.38 4.11
C ALA A 19 0.09 9.20 3.28
N GLN A 20 0.07 8.95 1.98
CA GLN A 20 -0.82 9.67 1.07
C GLN A 20 -2.26 9.63 1.56
N TYR A 21 -2.66 8.47 2.10
CA TYR A 21 -4.01 8.30 2.61
C TYR A 21 -4.09 8.67 4.08
N GLY A 22 -2.93 8.80 4.72
CA GLY A 22 -2.88 9.14 6.13
C GLY A 22 -2.88 7.93 7.03
N MET A 23 -2.15 6.90 6.62
CA MET A 23 -2.07 5.67 7.40
C MET A 23 -0.69 5.02 7.27
N ARG A 24 -0.47 3.95 8.01
CA ARG A 24 0.80 3.24 7.97
C ARG A 24 0.62 1.82 7.46
N ASP A 25 1.58 1.34 6.68
CA ASP A 25 1.53 -0.01 6.14
C ASP A 25 2.22 -1.01 7.06
N VAL A 26 1.66 -2.21 7.14
CA VAL A 26 2.22 -3.26 7.99
C VAL A 26 2.77 -4.41 7.16
N ASN A 27 2.10 -4.70 6.05
CA ASN A 27 2.52 -5.78 5.17
C ASN A 27 2.60 -5.30 3.72
N MET A 28 3.32 -6.06 2.89
CA MET A 28 3.48 -5.71 1.49
C MET A 28 3.53 -6.96 0.62
N LYS A 29 2.89 -6.89 -0.55
CA LYS A 29 2.85 -8.01 -1.47
C LYS A 29 3.73 -7.75 -2.68
N SER A 30 4.01 -8.79 -3.46
CA SER A 30 4.85 -8.68 -4.65
C SER A 30 4.03 -8.13 -5.82
N CYS A 31 4.66 -7.28 -6.62
CA CYS A 31 4.00 -6.69 -7.78
C CYS A 31 5.02 -6.29 -8.84
N SER A 32 4.62 -6.36 -10.10
CA SER A 32 5.51 -6.01 -11.21
C SER A 32 5.53 -4.50 -11.42
N GLY A 33 6.63 -3.87 -10.99
CA GLY A 33 6.77 -2.44 -11.15
C GLY A 33 6.26 -1.68 -9.93
N GLY A 34 5.12 -2.12 -9.39
CA GLY A 34 4.56 -1.46 -8.23
C GLY A 34 4.64 -2.31 -6.98
N ILE A 35 4.10 -1.80 -5.88
CA ILE A 35 4.12 -2.52 -4.62
C ILE A 35 2.81 -2.33 -3.86
N ILE A 36 2.39 -3.37 -3.13
CA ILE A 36 1.17 -3.30 -2.35
C ILE A 36 1.44 -2.93 -0.90
N TYR A 37 0.57 -2.12 -0.32
CA TYR A 37 0.73 -1.69 1.06
C TYR A 37 -0.52 -1.98 1.87
N THR A 38 -0.37 -2.74 2.96
CA THR A 38 -1.48 -3.09 3.82
C THR A 38 -1.63 -2.11 4.98
N CYS A 39 -2.62 -1.23 4.88
CA CYS A 39 -2.86 -0.24 5.92
C CYS A 39 -4.08 -0.62 6.76
N CYS A 40 -3.94 -0.55 8.08
CA CYS A 40 -5.02 -0.88 8.98
C CYS A 40 -5.23 0.23 10.01
N ASP A 41 -6.49 0.59 10.25
CA ASP A 41 -6.83 1.64 11.20
C ASP A 41 -7.50 1.05 12.43
N GLY A 1 -9.51 -1.78 15.50
CA GLY A 1 -8.37 -1.92 14.60
C GLY A 1 -8.77 -2.45 13.24
N VAL A 2 -9.50 -1.63 12.48
CA VAL A 2 -9.94 -2.02 11.15
C VAL A 2 -8.81 -1.88 10.13
N CYS A 3 -8.48 -2.98 9.47
CA CYS A 3 -7.42 -3.00 8.47
C CYS A 3 -7.95 -3.44 7.12
N TRP A 4 -7.16 -3.22 6.08
CA TRP A 4 -7.54 -3.60 4.72
C TRP A 4 -6.42 -3.31 3.73
N ASP A 5 -6.17 -4.25 2.83
CA ASP A 5 -5.13 -4.10 1.82
C ASP A 5 -5.74 -3.87 0.45
N THR A 6 -4.99 -3.20 -0.42
CA THR A 6 -5.44 -2.91 -1.77
C THR A 6 -4.69 -3.74 -2.79
N GLY A 7 -5.34 -4.02 -3.92
CA GLY A 7 -4.72 -4.81 -4.97
C GLY A 7 -3.42 -4.18 -5.47
N CYS A 8 -2.84 -4.78 -6.49
CA CYS A 8 -1.59 -4.28 -7.06
C CYS A 8 -1.70 -2.79 -7.39
N GLN A 9 -0.84 -2.00 -6.75
CA GLN A 9 -0.84 -0.55 -6.97
C GLN A 9 0.26 -0.16 -7.94
N LEU A 10 -0.12 0.53 -9.02
CA LEU A 10 0.84 0.97 -10.02
C LEU A 10 1.36 2.37 -9.69
N ASN A 11 0.57 3.14 -8.97
CA ASN A 11 0.94 4.49 -8.59
C ASN A 11 2.34 4.51 -7.97
N ALA A 12 2.72 3.40 -7.35
CA ALA A 12 4.03 3.29 -6.72
C ALA A 12 5.15 3.67 -7.70
N TRP A 13 4.89 3.45 -8.98
CA TRP A 13 5.88 3.78 -10.01
C TRP A 13 6.44 5.18 -9.81
N ALA A 14 5.56 6.15 -9.61
CA ALA A 14 5.98 7.52 -9.40
C ALA A 14 6.18 7.81 -7.91
N VAL A 15 5.19 7.47 -7.11
CA VAL A 15 5.27 7.69 -5.67
C VAL A 15 4.49 6.63 -4.90
N ARG A 16 4.99 6.27 -3.72
CA ARG A 16 4.34 5.26 -2.90
C ARG A 16 4.39 5.65 -1.43
N GLY A 17 3.63 4.93 -0.60
CA GLY A 17 3.59 5.22 0.82
C GLY A 17 2.18 5.30 1.36
N CYS A 18 1.88 4.50 2.38
CA CYS A 18 0.56 4.49 2.98
C CYS A 18 0.16 5.89 3.44
N ALA A 19 1.15 6.70 3.77
CA ALA A 19 0.90 8.07 4.22
C ALA A 19 -0.05 8.79 3.28
N GLN A 20 0.01 8.45 2.00
CA GLN A 20 -0.85 9.07 1.00
C GLN A 20 -2.32 9.01 1.42
N TYR A 21 -2.68 7.92 2.10
CA TYR A 21 -4.05 7.74 2.57
C TYR A 21 -4.21 8.20 4.02
N GLY A 22 -3.08 8.40 4.68
CA GLY A 22 -3.11 8.84 6.06
C GLY A 22 -3.12 7.69 7.05
N MET A 23 -2.34 6.66 6.76
CA MET A 23 -2.26 5.49 7.62
C MET A 23 -0.87 4.87 7.59
N ARG A 24 -0.65 3.86 8.42
CA ARG A 24 0.64 3.19 8.50
C ARG A 24 0.60 1.85 7.76
N ASP A 25 1.77 1.38 7.33
CA ASP A 25 1.86 0.12 6.62
C ASP A 25 2.17 -1.03 7.59
N VAL A 26 1.69 -2.22 7.26
CA VAL A 26 1.91 -3.39 8.10
C VAL A 26 2.46 -4.56 7.28
N ASN A 27 1.94 -4.71 6.07
CA ASN A 27 2.38 -5.79 5.18
C ASN A 27 2.43 -5.32 3.73
N MET A 28 3.13 -6.07 2.90
CA MET A 28 3.26 -5.73 1.48
C MET A 28 3.31 -6.99 0.62
N LYS A 29 2.78 -6.89 -0.59
CA LYS A 29 2.77 -8.02 -1.51
C LYS A 29 3.67 -7.75 -2.72
N SER A 30 3.96 -8.81 -3.48
CA SER A 30 4.81 -8.68 -4.66
C SER A 30 4.02 -8.13 -5.84
N CYS A 31 4.69 -7.32 -6.65
CA CYS A 31 4.05 -6.73 -7.84
C CYS A 31 5.08 -6.35 -8.88
N SER A 32 4.72 -6.47 -10.15
CA SER A 32 5.62 -6.14 -11.25
C SER A 32 5.63 -4.63 -11.50
N GLY A 33 6.70 -3.97 -11.06
CA GLY A 33 6.81 -2.54 -11.26
C GLY A 33 6.31 -1.75 -10.06
N GLY A 34 5.20 -2.20 -9.49
CA GLY A 34 4.63 -1.51 -8.34
C GLY A 34 4.73 -2.33 -7.07
N ILE A 35 4.10 -1.85 -6.01
CA ILE A 35 4.12 -2.55 -4.72
C ILE A 35 2.82 -2.34 -3.97
N ILE A 36 2.38 -3.38 -3.25
CA ILE A 36 1.15 -3.30 -2.47
C ILE A 36 1.43 -2.93 -1.02
N TYR A 37 0.63 -2.01 -0.49
CA TYR A 37 0.80 -1.56 0.89
C TYR A 37 -0.51 -1.72 1.68
N THR A 38 -0.42 -2.34 2.84
CA THR A 38 -1.58 -2.55 3.69
C THR A 38 -1.72 -1.42 4.72
N CYS A 39 -2.66 -0.51 4.48
CA CYS A 39 -2.89 0.59 5.39
C CYS A 39 -4.03 0.28 6.36
N CYS A 40 -3.70 0.25 7.65
CA CYS A 40 -4.69 -0.04 8.68
C CYS A 40 -4.84 1.14 9.64
N ASP A 41 -6.07 1.41 10.05
CA ASP A 41 -6.35 2.51 10.97
C ASP A 41 -6.27 2.03 12.42
N GLY A 1 -9.09 -4.18 15.66
CA GLY A 1 -9.10 -3.03 14.77
C GLY A 1 -9.44 -3.42 13.34
N VAL A 2 -10.04 -2.47 12.61
CA VAL A 2 -10.43 -2.71 11.23
C VAL A 2 -9.24 -2.56 10.29
N CYS A 3 -8.89 -3.63 9.59
CA CYS A 3 -7.77 -3.61 8.65
C CYS A 3 -8.24 -3.94 7.24
N TRP A 4 -7.47 -3.49 6.25
CA TRP A 4 -7.80 -3.74 4.86
C TRP A 4 -6.58 -3.55 3.96
N ASP A 5 -6.56 -4.26 2.84
CA ASP A 5 -5.45 -4.17 1.90
C ASP A 5 -5.93 -3.70 0.53
N THR A 6 -5.00 -3.21 -0.29
CA THR A 6 -5.33 -2.74 -1.62
C THR A 6 -4.63 -3.57 -2.70
N GLY A 7 -5.33 -3.79 -3.81
CA GLY A 7 -4.76 -4.57 -4.89
C GLY A 7 -3.46 -4.00 -5.40
N CYS A 8 -2.90 -4.62 -6.43
CA CYS A 8 -1.64 -4.17 -7.01
C CYS A 8 -1.67 -2.68 -7.32
N GLN A 9 -0.78 -1.93 -6.68
CA GLN A 9 -0.71 -0.48 -6.88
C GLN A 9 0.39 -0.13 -7.87
N LEU A 10 0.01 0.50 -8.98
CA LEU A 10 0.97 0.90 -10.00
C LEU A 10 1.49 2.30 -9.74
N ASN A 11 0.68 3.12 -9.09
CA ASN A 11 1.06 4.49 -8.77
C ASN A 11 2.44 4.54 -8.11
N ALA A 12 2.80 3.45 -7.44
CA ALA A 12 4.10 3.37 -6.78
C ALA A 12 5.24 3.71 -7.72
N TRP A 13 5.02 3.45 -9.01
CA TRP A 13 6.03 3.73 -10.02
C TRP A 13 6.62 5.12 -9.83
N ALA A 14 5.75 6.12 -9.67
CA ALA A 14 6.19 7.49 -9.47
C ALA A 14 6.37 7.81 -7.99
N VAL A 15 5.36 7.48 -7.20
CA VAL A 15 5.40 7.73 -5.76
C VAL A 15 4.57 6.70 -5.01
N ARG A 16 5.04 6.33 -3.82
CA ARG A 16 4.34 5.36 -2.99
C ARG A 16 4.36 5.77 -1.53
N GLY A 17 3.59 5.07 -0.71
CA GLY A 17 3.53 5.38 0.71
C GLY A 17 2.11 5.59 1.20
N CYS A 18 1.71 4.78 2.18
CA CYS A 18 0.36 4.87 2.74
C CYS A 18 0.08 6.28 3.26
N ALA A 19 1.15 6.99 3.61
CA ALA A 19 1.02 8.35 4.12
C ALA A 19 0.10 9.19 3.24
N GLN A 20 0.13 8.92 1.94
CA GLN A 20 -0.71 9.64 0.99
C GLN A 20 -2.17 9.62 1.42
N TYR A 21 -2.61 8.49 1.95
CA TYR A 21 -3.99 8.34 2.40
C TYR A 21 -4.13 8.73 3.87
N GLY A 22 -2.99 8.87 4.54
CA GLY A 22 -3.00 9.25 5.94
C GLY A 22 -3.06 8.05 6.87
N MET A 23 -2.33 7.00 6.52
CA MET A 23 -2.29 5.79 7.33
C MET A 23 -0.92 5.12 7.25
N ARG A 24 -0.74 4.06 8.03
CA ARG A 24 0.52 3.33 8.05
C ARG A 24 0.33 1.90 7.56
N ASP A 25 1.34 1.39 6.86
CA ASP A 25 1.28 0.03 6.34
C ASP A 25 2.04 -0.95 7.25
N VAL A 26 1.72 -2.23 7.13
CA VAL A 26 2.37 -3.25 7.95
C VAL A 26 2.90 -4.39 7.08
N ASN A 27 2.13 -4.76 6.06
CA ASN A 27 2.52 -5.83 5.16
C ASN A 27 2.60 -5.33 3.72
N MET A 28 3.22 -6.13 2.85
CA MET A 28 3.35 -5.77 1.44
C MET A 28 3.40 -7.01 0.56
N LYS A 29 2.73 -6.95 -0.58
CA LYS A 29 2.69 -8.07 -1.52
C LYS A 29 3.59 -7.80 -2.71
N SER A 30 3.86 -8.85 -3.50
CA SER A 30 4.71 -8.73 -4.68
C SER A 30 3.92 -8.17 -5.85
N CYS A 31 4.58 -7.33 -6.65
CA CYS A 31 3.94 -6.71 -7.81
C CYS A 31 4.98 -6.29 -8.84
N SER A 32 4.63 -6.44 -10.12
CA SER A 32 5.54 -6.10 -11.20
C SER A 32 5.55 -4.58 -11.43
N GLY A 33 6.65 -3.94 -11.04
CA GLY A 33 6.76 -2.51 -11.21
C GLY A 33 6.27 -1.74 -10.00
N GLY A 34 5.16 -2.19 -9.43
CA GLY A 34 4.59 -1.51 -8.27
C GLY A 34 4.66 -2.37 -7.02
N ILE A 35 4.13 -1.86 -5.92
CA ILE A 35 4.13 -2.58 -4.66
C ILE A 35 2.83 -2.35 -3.90
N ILE A 36 2.41 -3.37 -3.15
CA ILE A 36 1.17 -3.28 -2.37
C ILE A 36 1.47 -2.96 -0.91
N TYR A 37 0.63 -2.14 -0.31
CA TYR A 37 0.80 -1.75 1.09
C TYR A 37 -0.46 -2.04 1.89
N THR A 38 -0.31 -2.83 2.96
CA THR A 38 -1.44 -3.18 3.82
C THR A 38 -1.55 -2.23 5.00
N CYS A 39 -2.51 -1.33 4.94
CA CYS A 39 -2.73 -0.35 6.01
C CYS A 39 -3.90 -0.78 6.90
N CYS A 40 -3.76 -0.52 8.19
CA CYS A 40 -4.81 -0.87 9.15
C CYS A 40 -5.02 0.26 10.16
N ASP A 41 -6.28 0.58 10.43
CA ASP A 41 -6.62 1.63 11.38
C ASP A 41 -5.91 1.41 12.71
N GLY A 1 -9.66 -3.63 15.64
CA GLY A 1 -9.76 -2.54 14.69
C GLY A 1 -10.12 -3.03 13.29
N VAL A 2 -10.43 -2.08 12.41
CA VAL A 2 -10.80 -2.42 11.04
C VAL A 2 -9.59 -2.32 10.10
N CYS A 3 -9.31 -3.41 9.40
CA CYS A 3 -8.20 -3.46 8.47
C CYS A 3 -8.66 -3.77 7.05
N TRP A 4 -7.80 -3.51 6.07
CA TRP A 4 -8.13 -3.76 4.68
C TRP A 4 -6.91 -3.54 3.79
N ASP A 5 -6.74 -4.40 2.79
CA ASP A 5 -5.62 -4.30 1.87
C ASP A 5 -6.10 -3.88 0.49
N THR A 6 -5.20 -3.25 -0.27
CA THR A 6 -5.52 -2.79 -1.62
C THR A 6 -4.78 -3.59 -2.67
N GLY A 7 -5.42 -3.76 -3.83
CA GLY A 7 -4.80 -4.52 -4.91
C GLY A 7 -3.47 -3.95 -5.33
N CYS A 8 -2.90 -4.49 -6.40
CA CYS A 8 -1.62 -4.03 -6.91
C CYS A 8 -1.63 -2.51 -7.12
N GLN A 9 -0.73 -1.82 -6.43
CA GLN A 9 -0.64 -0.37 -6.53
C GLN A 9 0.43 0.03 -7.55
N LEU A 10 -0.02 0.48 -8.72
CA LEU A 10 0.89 0.90 -9.78
C LEU A 10 1.46 2.29 -9.49
N ASN A 11 0.70 3.09 -8.72
CA ASN A 11 1.13 4.43 -8.37
C ASN A 11 2.56 4.43 -7.83
N ALA A 12 2.95 3.32 -7.23
CA ALA A 12 4.29 3.18 -6.66
C ALA A 12 5.35 3.55 -7.69
N TRP A 13 5.04 3.32 -8.96
CA TRP A 13 5.97 3.62 -10.05
C TRP A 13 6.57 5.01 -9.87
N ALA A 14 5.71 6.01 -9.73
CA ALA A 14 6.16 7.38 -9.55
C ALA A 14 6.35 7.72 -8.09
N VAL A 15 5.37 7.36 -7.26
CA VAL A 15 5.44 7.61 -5.83
C VAL A 15 4.66 6.56 -5.04
N ARG A 16 5.21 6.16 -3.90
CA ARG A 16 4.58 5.16 -3.06
C ARG A 16 4.54 5.61 -1.60
N GLY A 17 3.73 4.93 -0.80
CA GLY A 17 3.62 5.29 0.61
C GLY A 17 2.18 5.46 1.05
N CYS A 18 1.78 4.71 2.07
CA CYS A 18 0.42 4.79 2.59
C CYS A 18 0.10 6.20 3.08
N ALA A 19 1.14 6.97 3.36
CA ALA A 19 0.97 8.34 3.84
C ALA A 19 -0.03 9.10 2.98
N GLN A 20 -0.05 8.79 1.70
CA GLN A 20 -0.97 9.45 0.76
C GLN A 20 -2.41 9.39 1.28
N TYR A 21 -2.77 8.26 1.88
CA TYR A 21 -4.11 8.08 2.41
C TYR A 21 -4.18 8.51 3.87
N GLY A 22 -3.01 8.68 4.49
CA GLY A 22 -2.96 9.10 5.88
C GLY A 22 -2.93 7.92 6.82
N MET A 23 -2.17 6.89 6.46
CA MET A 23 -2.06 5.69 7.29
C MET A 23 -0.67 5.07 7.16
N ARG A 24 -0.41 4.04 7.96
CA ARG A 24 0.88 3.35 7.93
C ARG A 24 0.73 1.92 7.43
N ASP A 25 1.70 1.46 6.65
CA ASP A 25 1.67 0.11 6.11
C ASP A 25 2.15 -0.90 7.14
N VAL A 26 1.85 -2.17 6.91
CA VAL A 26 2.25 -3.23 7.83
C VAL A 26 2.95 -4.36 7.09
N ASN A 27 2.48 -4.66 5.89
CA ASN A 27 3.06 -5.72 5.07
C ASN A 27 3.10 -5.32 3.59
N MET A 28 3.84 -6.07 2.80
CA MET A 28 3.96 -5.79 1.38
C MET A 28 3.64 -7.03 0.55
N LYS A 29 3.34 -6.83 -0.73
CA LYS A 29 3.01 -7.93 -1.62
C LYS A 29 3.83 -7.84 -2.91
N SER A 30 3.83 -8.93 -3.68
CA SER A 30 4.58 -8.97 -4.94
C SER A 30 3.82 -8.26 -6.05
N CYS A 31 4.51 -7.38 -6.76
CA CYS A 31 3.91 -6.63 -7.85
C CYS A 31 4.97 -6.16 -8.85
N SER A 32 4.62 -6.19 -10.13
CA SER A 32 5.54 -5.78 -11.18
C SER A 32 5.54 -4.25 -11.33
N GLY A 33 6.61 -3.62 -10.84
CA GLY A 33 6.71 -2.18 -10.93
C GLY A 33 6.14 -1.48 -9.70
N GLY A 34 5.01 -1.96 -9.24
CA GLY A 34 4.37 -1.37 -8.06
C GLY A 34 4.49 -2.24 -6.83
N ILE A 35 3.92 -1.77 -5.72
CA ILE A 35 3.96 -2.52 -4.47
C ILE A 35 2.70 -2.28 -3.65
N ILE A 36 2.18 -3.35 -3.06
CA ILE A 36 0.99 -3.25 -2.23
C ILE A 36 1.33 -2.96 -0.78
N TYR A 37 0.50 -2.15 -0.13
CA TYR A 37 0.72 -1.78 1.26
C TYR A 37 -0.51 -2.09 2.11
N THR A 38 -0.29 -2.75 3.25
CA THR A 38 -1.37 -3.10 4.15
C THR A 38 -1.57 -2.05 5.22
N CYS A 39 -2.62 -1.25 5.07
CA CYS A 39 -2.92 -0.19 6.04
C CYS A 39 -4.17 -0.54 6.85
N CYS A 40 -4.04 -0.46 8.17
CA CYS A 40 -5.14 -0.77 9.07
C CYS A 40 -5.31 0.32 10.13
N ASP A 41 -6.56 0.66 10.43
CA ASP A 41 -6.86 1.68 11.42
C ASP A 41 -7.34 1.06 12.72
N GLY A 1 -9.87 -3.63 15.63
CA GLY A 1 -9.35 -2.69 14.67
C GLY A 1 -9.71 -3.06 13.24
N VAL A 2 -10.27 -2.10 12.50
CA VAL A 2 -10.66 -2.34 11.12
C VAL A 2 -9.45 -2.27 10.19
N CYS A 3 -9.20 -3.37 9.49
CA CYS A 3 -8.07 -3.43 8.56
C CYS A 3 -8.54 -3.75 7.15
N TRP A 4 -7.68 -3.51 6.17
CA TRP A 4 -8.01 -3.76 4.78
C TRP A 4 -6.79 -3.54 3.88
N ASP A 5 -6.66 -4.39 2.86
CA ASP A 5 -5.54 -4.29 1.93
C ASP A 5 -6.02 -3.85 0.55
N THR A 6 -5.12 -3.23 -0.21
CA THR A 6 -5.46 -2.75 -1.55
C THR A 6 -4.73 -3.56 -2.62
N GLY A 7 -5.41 -3.79 -3.74
CA GLY A 7 -4.82 -4.55 -4.83
C GLY A 7 -3.51 -3.95 -5.30
N CYS A 8 -2.93 -4.56 -6.33
CA CYS A 8 -1.67 -4.09 -6.89
C CYS A 8 -1.73 -2.60 -7.19
N GLN A 9 -0.86 -1.83 -6.55
CA GLN A 9 -0.81 -0.39 -6.75
C GLN A 9 0.30 0.00 -7.72
N LEU A 10 -0.06 0.70 -8.79
CA LEU A 10 0.91 1.13 -9.79
C LEU A 10 1.47 2.51 -9.44
N ASN A 11 0.73 3.28 -8.67
CA ASN A 11 1.16 4.61 -8.27
C ASN A 11 2.57 4.57 -7.70
N ALA A 12 2.94 3.43 -7.12
CA ALA A 12 4.27 3.27 -6.55
C ALA A 12 5.36 3.65 -7.54
N TRP A 13 5.06 3.47 -8.83
CA TRP A 13 6.02 3.81 -9.88
C TRP A 13 6.59 5.21 -9.68
N ALA A 14 5.70 6.19 -9.54
CA ALA A 14 6.11 7.57 -9.35
C ALA A 14 6.25 7.89 -7.86
N VAL A 15 5.22 7.57 -7.09
CA VAL A 15 5.23 7.82 -5.65
C VAL A 15 4.68 6.64 -4.88
N ARG A 16 5.36 6.27 -3.79
CA ARG A 16 4.93 5.15 -2.97
C ARG A 16 4.79 5.57 -1.51
N GLY A 17 3.95 4.85 -0.77
CA GLY A 17 3.73 5.17 0.63
C GLY A 17 2.26 5.29 0.98
N CYS A 18 1.88 4.74 2.12
CA CYS A 18 0.49 4.79 2.57
C CYS A 18 0.12 6.20 3.05
N ALA A 19 1.14 6.98 3.38
CA ALA A 19 0.93 8.34 3.86
C ALA A 19 -0.04 9.09 2.95
N GLN A 20 0.01 8.79 1.66
CA GLN A 20 -0.86 9.44 0.68
C GLN A 20 -2.32 9.36 1.12
N TYR A 21 -2.70 8.22 1.69
CA TYR A 21 -4.06 8.01 2.15
C TYR A 21 -4.23 8.45 3.60
N GLY A 22 -3.10 8.65 4.28
CA GLY A 22 -3.13 9.06 5.67
C GLY A 22 -3.12 7.88 6.63
N MET A 23 -2.33 6.86 6.30
CA MET A 23 -2.24 5.68 7.14
C MET A 23 -0.83 5.08 7.07
N ARG A 24 -0.60 4.04 7.87
CA ARG A 24 0.70 3.39 7.90
C ARG A 24 0.59 1.95 7.39
N ASP A 25 1.62 1.49 6.68
CA ASP A 25 1.63 0.14 6.15
C ASP A 25 2.19 -0.84 7.16
N VAL A 26 1.87 -2.12 6.98
CA VAL A 26 2.34 -3.17 7.89
C VAL A 26 2.99 -4.30 7.12
N ASN A 27 2.41 -4.66 5.98
CA ASN A 27 2.93 -5.73 5.15
C ASN A 27 2.99 -5.32 3.69
N MET A 28 3.68 -6.11 2.87
CA MET A 28 3.80 -5.83 1.44
C MET A 28 3.55 -7.08 0.62
N LYS A 29 3.24 -6.90 -0.66
CA LYS A 29 2.98 -8.01 -1.56
C LYS A 29 3.79 -7.87 -2.85
N SER A 30 3.85 -8.96 -3.62
CA SER A 30 4.59 -8.96 -4.87
C SER A 30 3.80 -8.25 -5.97
N CYS A 31 4.49 -7.41 -6.74
CA CYS A 31 3.85 -6.69 -7.83
C CYS A 31 4.88 -6.26 -8.87
N SER A 32 4.48 -6.32 -10.15
CA SER A 32 5.36 -5.95 -11.23
C SER A 32 5.41 -4.43 -11.42
N GLY A 33 6.50 -3.82 -10.99
CA GLY A 33 6.64 -2.38 -11.11
C GLY A 33 6.15 -1.64 -9.88
N GLY A 34 5.02 -2.08 -9.35
CA GLY A 34 4.45 -1.45 -8.17
C GLY A 34 4.56 -2.32 -6.94
N ILE A 35 3.97 -1.85 -5.84
CA ILE A 35 4.00 -2.59 -4.58
C ILE A 35 2.73 -2.37 -3.78
N ILE A 36 2.27 -3.41 -3.08
CA ILE A 36 1.07 -3.32 -2.28
C ILE A 36 1.40 -2.99 -0.82
N TYR A 37 0.55 -2.19 -0.19
CA TYR A 37 0.77 -1.80 1.20
C TYR A 37 -0.46 -2.12 2.05
N THR A 38 -0.24 -2.79 3.17
CA THR A 38 -1.33 -3.16 4.08
C THR A 38 -1.51 -2.11 5.16
N CYS A 39 -2.56 -1.29 5.03
CA CYS A 39 -2.84 -0.26 6.02
C CYS A 39 -4.07 -0.62 6.83
N CYS A 40 -3.96 -0.50 8.15
CA CYS A 40 -5.06 -0.80 9.06
C CYS A 40 -5.29 0.33 10.04
N ASP A 41 -6.56 0.69 10.24
CA ASP A 41 -6.92 1.76 11.16
C ASP A 41 -7.38 1.20 12.50
N GLY A 1 -8.94 -5.41 15.18
CA GLY A 1 -9.23 -4.09 14.68
C GLY A 1 -9.71 -4.11 13.23
N VAL A 2 -9.61 -2.97 12.56
CA VAL A 2 -10.03 -2.86 11.17
C VAL A 2 -8.84 -2.92 10.22
N CYS A 3 -8.84 -3.90 9.32
CA CYS A 3 -7.75 -4.07 8.37
C CYS A 3 -8.30 -4.25 6.96
N TRP A 4 -7.57 -3.75 5.98
CA TRP A 4 -7.98 -3.86 4.58
C TRP A 4 -6.80 -3.61 3.64
N ASP A 5 -6.50 -4.57 2.79
CA ASP A 5 -5.40 -4.45 1.83
C ASP A 5 -5.91 -3.99 0.47
N THR A 6 -5.07 -3.25 -0.25
CA THR A 6 -5.44 -2.75 -1.57
C THR A 6 -4.76 -3.56 -2.67
N GLY A 7 -5.45 -3.70 -3.80
CA GLY A 7 -4.90 -4.45 -4.90
C GLY A 7 -3.56 -3.92 -5.35
N CYS A 8 -2.99 -4.55 -6.39
CA CYS A 8 -1.69 -4.14 -6.91
C CYS A 8 -1.68 -2.64 -7.19
N GLN A 9 -0.77 -1.93 -6.53
CA GLN A 9 -0.65 -0.48 -6.71
C GLN A 9 0.50 -0.15 -7.65
N LEU A 10 0.17 0.42 -8.81
CA LEU A 10 1.19 0.78 -9.79
C LEU A 10 1.66 2.22 -9.57
N ASN A 11 0.82 3.02 -8.93
CA ASN A 11 1.16 4.42 -8.65
C ASN A 11 2.54 4.52 -8.01
N ALA A 12 2.94 3.46 -7.30
CA ALA A 12 4.24 3.44 -6.63
C ALA A 12 5.36 3.78 -7.61
N TRP A 13 5.14 3.49 -8.88
CA TRP A 13 6.14 3.78 -9.92
C TRP A 13 6.71 5.18 -9.75
N ALA A 14 5.83 6.16 -9.63
CA ALA A 14 6.25 7.55 -9.47
C ALA A 14 6.42 7.90 -7.99
N VAL A 15 5.40 7.56 -7.19
CA VAL A 15 5.43 7.84 -5.76
C VAL A 15 4.63 6.80 -4.99
N ARG A 16 5.14 6.43 -3.81
CA ARG A 16 4.47 5.44 -2.98
C ARG A 16 4.44 5.89 -1.53
N GLY A 17 3.67 5.18 -0.70
CA GLY A 17 3.58 5.53 0.70
C GLY A 17 2.14 5.68 1.16
N CYS A 18 1.75 4.89 2.15
CA CYS A 18 0.39 4.94 2.68
C CYS A 18 0.06 6.34 3.20
N ALA A 19 1.10 7.10 3.53
CA ALA A 19 0.92 8.45 4.03
C ALA A 19 -0.06 9.24 3.15
N GLN A 20 -0.04 8.96 1.86
CA GLN A 20 -0.91 9.65 0.92
C GLN A 20 -2.37 9.56 1.38
N TYR A 21 -2.75 8.41 1.92
CA TYR A 21 -4.12 8.21 2.40
C TYR A 21 -4.25 8.62 3.86
N GLY A 22 -3.11 8.79 4.52
CA GLY A 22 -3.11 9.18 5.92
C GLY A 22 -3.09 7.99 6.85
N MET A 23 -2.33 6.97 6.49
CA MET A 23 -2.22 5.77 7.31
C MET A 23 -0.83 5.16 7.21
N ARG A 24 -0.58 4.11 8.00
CA ARG A 24 0.71 3.45 8.01
C ARG A 24 0.59 2.02 7.49
N ASP A 25 1.61 1.58 6.75
CA ASP A 25 1.62 0.23 6.19
C ASP A 25 2.27 -0.75 7.16
N VAL A 26 1.91 -2.03 7.02
CA VAL A 26 2.45 -3.07 7.88
C VAL A 26 3.01 -4.23 7.06
N ASN A 27 2.32 -4.58 5.98
CA ASN A 27 2.75 -5.66 5.11
C ASN A 27 2.67 -5.25 3.64
N MET A 28 3.27 -6.06 2.78
CA MET A 28 3.26 -5.78 1.34
C MET A 28 3.18 -7.06 0.53
N LYS A 29 2.78 -6.95 -0.72
CA LYS A 29 2.65 -8.11 -1.60
C LYS A 29 3.50 -7.93 -2.86
N SER A 30 3.69 -9.02 -3.59
CA SER A 30 4.49 -8.99 -4.82
C SER A 30 3.71 -8.31 -5.94
N CYS A 31 4.42 -7.49 -6.71
CA CYS A 31 3.79 -6.78 -7.83
C CYS A 31 4.85 -6.39 -8.87
N SER A 32 4.44 -6.43 -10.14
CA SER A 32 5.36 -6.08 -11.23
C SER A 32 5.46 -4.57 -11.39
N GLY A 33 6.58 -4.02 -10.93
CA GLY A 33 6.78 -2.58 -11.03
C GLY A 33 6.26 -1.83 -9.82
N GLY A 34 5.08 -2.23 -9.34
CA GLY A 34 4.49 -1.58 -8.19
C GLY A 34 4.59 -2.42 -6.93
N ILE A 35 4.02 -1.92 -5.84
CA ILE A 35 4.05 -2.64 -4.56
C ILE A 35 2.78 -2.37 -3.76
N ILE A 36 2.25 -3.43 -3.14
CA ILE A 36 1.05 -3.30 -2.33
C ILE A 36 1.38 -2.94 -0.89
N TYR A 37 0.54 -2.11 -0.28
CA TYR A 37 0.75 -1.69 1.11
C TYR A 37 -0.47 -2.01 1.96
N THR A 38 -0.25 -2.73 3.05
CA THR A 38 -1.33 -3.12 3.95
C THR A 38 -1.45 -2.11 5.10
N CYS A 39 -2.47 -1.27 5.03
CA CYS A 39 -2.70 -0.26 6.06
C CYS A 39 -3.88 -0.65 6.95
N CYS A 40 -3.72 -0.49 8.25
CA CYS A 40 -4.77 -0.83 9.20
C CYS A 40 -5.01 0.32 10.19
N ASP A 41 -6.03 0.18 11.01
CA ASP A 41 -6.36 1.20 12.00
C ASP A 41 -6.69 2.54 11.32
N GLY A 1 -10.16 -5.11 15.98
CA GLY A 1 -9.15 -4.92 14.94
C GLY A 1 -9.75 -4.84 13.56
N VAL A 2 -9.32 -3.85 12.78
CA VAL A 2 -9.83 -3.67 11.43
C VAL A 2 -8.69 -3.31 10.47
N CYS A 3 -8.65 -4.00 9.33
CA CYS A 3 -7.62 -3.76 8.32
C CYS A 3 -8.13 -4.11 6.93
N TRP A 4 -7.53 -3.48 5.92
CA TRP A 4 -7.93 -3.72 4.53
C TRP A 4 -6.75 -3.51 3.59
N ASP A 5 -6.48 -4.50 2.74
CA ASP A 5 -5.39 -4.41 1.79
C ASP A 5 -5.89 -4.00 0.41
N THR A 6 -5.06 -3.25 -0.32
CA THR A 6 -5.44 -2.79 -1.65
C THR A 6 -4.74 -3.61 -2.73
N GLY A 7 -5.41 -3.76 -3.86
CA GLY A 7 -4.85 -4.53 -4.96
C GLY A 7 -3.50 -4.00 -5.40
N CYS A 8 -2.94 -4.60 -6.45
CA CYS A 8 -1.65 -4.18 -6.98
C CYS A 8 -1.63 -2.68 -7.23
N GLN A 9 -0.72 -1.99 -6.55
CA GLN A 9 -0.58 -0.54 -6.71
C GLN A 9 0.56 -0.20 -7.65
N LEU A 10 0.22 0.33 -8.83
CA LEU A 10 1.22 0.71 -9.81
C LEU A 10 1.66 2.16 -9.62
N ASN A 11 0.78 2.96 -9.02
CA ASN A 11 1.09 4.36 -8.78
C ASN A 11 2.44 4.53 -8.10
N ALA A 12 2.86 3.50 -7.38
CA ALA A 12 4.15 3.52 -6.69
C ALA A 12 5.28 3.90 -7.64
N TRP A 13 5.08 3.61 -8.92
CA TRP A 13 6.09 3.91 -9.94
C TRP A 13 6.64 5.32 -9.74
N ALA A 14 5.74 6.29 -9.63
CA ALA A 14 6.12 7.68 -9.45
C ALA A 14 6.25 8.03 -7.98
N VAL A 15 5.23 7.65 -7.20
CA VAL A 15 5.23 7.92 -5.77
C VAL A 15 4.45 6.86 -5.01
N ARG A 16 4.97 6.46 -3.86
CA ARG A 16 4.33 5.45 -3.03
C ARG A 16 4.34 5.84 -1.56
N GLY A 17 3.60 5.10 -0.75
CA GLY A 17 3.54 5.39 0.68
C GLY A 17 2.12 5.58 1.17
N CYS A 18 1.74 4.80 2.18
CA CYS A 18 0.40 4.88 2.75
C CYS A 18 0.10 6.29 3.25
N ALA A 19 1.16 7.04 3.54
CA ALA A 19 1.01 8.41 4.02
C ALA A 19 0.03 9.20 3.16
N GLN A 20 0.01 8.90 1.87
CA GLN A 20 -0.88 9.58 0.94
C GLN A 20 -2.32 9.54 1.43
N TYR A 21 -2.71 8.40 2.00
CA TYR A 21 -4.06 8.22 2.51
C TYR A 21 -4.15 8.65 3.97
N GLY A 22 -2.99 8.82 4.60
CA GLY A 22 -2.97 9.23 6.00
C GLY A 22 -2.95 8.04 6.94
N MET A 23 -2.20 7.01 6.59
CA MET A 23 -2.10 5.81 7.42
C MET A 23 -0.72 5.19 7.31
N ARG A 24 -0.48 4.14 8.10
CA ARG A 24 0.81 3.46 8.09
C ARG A 24 0.66 2.03 7.54
N ASP A 25 1.66 1.59 6.81
CA ASP A 25 1.65 0.25 6.23
C ASP A 25 2.21 -0.77 7.21
N VAL A 26 1.79 -2.03 7.04
CA VAL A 26 2.26 -3.10 7.92
C VAL A 26 2.79 -4.28 7.11
N ASN A 27 2.11 -4.59 6.01
CA ASN A 27 2.51 -5.69 5.14
C ASN A 27 2.51 -5.26 3.68
N MET A 28 3.10 -6.10 2.83
CA MET A 28 3.18 -5.81 1.40
C MET A 28 3.09 -7.09 0.58
N LYS A 29 2.75 -6.94 -0.70
CA LYS A 29 2.62 -8.08 -1.59
C LYS A 29 3.51 -7.91 -2.82
N SER A 30 3.70 -9.00 -3.56
CA SER A 30 4.52 -8.97 -4.76
C SER A 30 3.76 -8.33 -5.92
N CYS A 31 4.47 -7.51 -6.70
CA CYS A 31 3.87 -6.84 -7.84
C CYS A 31 4.93 -6.45 -8.86
N SER A 32 4.55 -6.48 -10.14
CA SER A 32 5.48 -6.14 -11.22
C SER A 32 5.59 -4.62 -11.38
N GLY A 33 6.68 -4.05 -10.89
CA GLY A 33 6.89 -2.62 -11.00
C GLY A 33 6.33 -1.87 -9.80
N GLY A 34 5.15 -2.27 -9.35
CA GLY A 34 4.53 -1.61 -8.22
C GLY A 34 4.62 -2.44 -6.95
N ILE A 35 4.04 -1.94 -5.87
CA ILE A 35 4.06 -2.64 -4.59
C ILE A 35 2.78 -2.37 -3.80
N ILE A 36 2.29 -3.41 -3.13
CA ILE A 36 1.07 -3.29 -2.34
C ILE A 36 1.40 -2.94 -0.88
N TYR A 37 0.55 -2.13 -0.28
CA TYR A 37 0.74 -1.71 1.11
C TYR A 37 -0.50 -2.01 1.94
N THR A 38 -0.32 -2.76 3.01
CA THR A 38 -1.43 -3.12 3.89
C THR A 38 -1.53 -2.15 5.07
N CYS A 39 -2.51 -1.26 5.00
CA CYS A 39 -2.71 -0.27 6.07
C CYS A 39 -3.88 -0.67 6.96
N CYS A 40 -3.70 -0.50 8.26
CA CYS A 40 -4.73 -0.85 9.23
C CYS A 40 -5.14 0.38 10.06
N ASP A 41 -6.38 0.38 10.53
CA ASP A 41 -6.88 1.48 11.33
C ASP A 41 -7.08 1.05 12.79
#